data_5AYJ
#
_entry.id   5AYJ
#
_cell.length_a   131.861
_cell.length_b   142.581
_cell.length_c   70.649
_cell.angle_alpha   90.00
_cell.angle_beta   90.00
_cell.angle_gamma   90.00
#
_symmetry.space_group_name_H-M   'P 21 21 2'
#
loop_
_entity.id
_entity.type
_entity.pdbx_description
1 polymer 'Uric acid degradation bifunctional protein'
2 non-polymer '9-METHYL URIC ACID'
3 non-polymer 'HEXAETHYLENE GLYCOL'
4 non-polymer 'SULFATE ION'
5 water water
#
_entity_poly.entity_id   1
_entity_poly.type   'polypeptide(L)'
_entity_poly.pdbx_seq_one_letter_code
;TKHKERVMYYGKGDVFAYRTYLKPLTGVRTIPESPFSGRDHILFGVNVKISVGGTKLLTSFTKGDNSLVVATDSMKNFIQ
KHLASYTGTTIEGFLEYVATSFLKKYSHIEKISLIGEEIPFETTFAVKNGNRAASELVFKKSRNEYATAYLNMVRNEDNT
LNITEQQSGLAGLQLIKVSGNSFVGFIRDEYTTLPEDSNRPLFVYLNIKWKYKNTEDSFGTNPENYVAAEQIRDIATSVF
HETETLSIQHLIYLIGRRILERFPQLQEVYFESQNHTWDKIVEEIPESEGKVYTEPCPPYGFQCFTVTQEDLPHENILMF
SDEPDHKGALK
;
_entity_poly.pdbx_strand_id   A,B,C,D
#
# COMPACT_ATOMS: atom_id res chain seq x y z
CA ARG A 6 29.71 -3.21 15.06
C ARG A 6 28.25 -2.82 15.23
N VAL A 7 27.50 -2.87 14.14
CA VAL A 7 26.07 -2.63 14.20
C VAL A 7 25.41 -3.87 14.81
N MET A 8 24.69 -3.66 15.91
CA MET A 8 24.02 -4.75 16.60
C MET A 8 22.88 -4.23 17.45
N TYR A 9 21.68 -4.34 16.89
CA TYR A 9 20.45 -3.94 17.56
C TYR A 9 19.35 -4.95 17.31
N TYR A 10 18.34 -4.91 18.17
CA TYR A 10 17.14 -5.65 17.88
C TYR A 10 16.04 -4.97 18.65
N GLY A 11 14.80 -5.26 18.28
CA GLY A 11 13.68 -4.61 18.92
C GLY A 11 12.34 -4.93 18.30
N LYS A 12 11.36 -4.04 18.47
CA LYS A 12 9.96 -4.28 18.05
C LYS A 12 9.45 -3.04 17.35
N GLY A 13 8.75 -3.22 16.23
CA GLY A 13 8.13 -2.09 15.53
C GLY A 13 6.63 -2.27 15.47
N ASP A 14 5.90 -1.20 15.16
CA ASP A 14 4.43 -1.23 15.09
C ASP A 14 3.83 -1.69 16.42
N VAL A 15 4.40 -1.20 17.51
CA VAL A 15 3.79 -1.34 18.82
C VAL A 15 2.79 -0.20 19.02
N PHE A 16 1.54 -0.51 18.73
CA PHE A 16 0.45 0.44 18.84
C PHE A 16 -0.05 0.41 20.25
N ALA A 17 -0.39 1.59 20.76
CA ALA A 17 -0.85 1.73 22.12
C ALA A 17 -1.81 2.88 22.17
N TYR A 18 -3.03 2.62 22.63
CA TYR A 18 -4.04 3.65 22.82
C TYR A 18 -4.40 3.81 24.27
N ARG A 19 -4.40 5.05 24.71
CA ARG A 19 -4.73 5.38 26.08
C ARG A 19 -5.91 6.33 26.08
N THR A 20 -6.93 6.02 26.89
CA THR A 20 -7.96 7.02 27.17
C THR A 20 -7.65 7.82 28.42
N TYR A 21 -8.07 9.09 28.38
CA TYR A 21 -7.89 10.07 29.42
C TYR A 21 -6.45 10.18 29.94
N LEU A 22 -5.52 10.45 29.04
CA LEU A 22 -4.19 10.87 29.46
C LEU A 22 -4.34 12.23 30.16
N LYS A 23 -3.38 12.61 30.99
CA LYS A 23 -3.43 13.93 31.62
C LYS A 23 -3.43 14.98 30.51
N PRO A 24 -4.37 15.92 30.53
CA PRO A 24 -4.37 16.88 29.41
C PRO A 24 -3.16 17.82 29.40
N LEU A 25 -2.70 18.14 28.19
CA LEU A 25 -1.68 19.16 28.01
C LEU A 25 -2.35 20.54 28.03
N THR A 26 -2.00 21.35 29.02
CA THR A 26 -2.56 22.70 29.14
C THR A 26 -1.48 23.68 29.49
N GLY A 27 -1.82 24.95 29.44
CA GLY A 27 -0.89 26.00 29.78
C GLY A 27 0.19 26.22 28.73
N VAL A 28 -0.11 25.85 27.49
CA VAL A 28 0.82 26.03 26.38
C VAL A 28 0.89 27.48 25.90
N ARG A 29 2.10 27.94 25.58
CA ARG A 29 2.28 29.29 25.06
C ARG A 29 1.71 29.35 23.63
N THR A 30 0.76 30.25 23.38
CA THR A 30 0.20 30.36 22.04
C THR A 30 1.08 31.21 21.13
N ILE A 31 0.84 31.13 19.83
CA ILE A 31 1.50 32.00 18.84
C ILE A 31 0.49 32.54 17.84
N PRO A 32 0.86 33.60 17.09
CA PRO A 32 -0.08 34.21 16.14
C PRO A 32 -0.61 33.25 15.08
N GLU A 33 0.27 32.41 14.56
CA GLU A 33 -0.07 31.55 13.43
C GLU A 33 -1.02 30.41 13.78
N SER A 34 -1.18 30.12 15.07
CA SER A 34 -1.90 28.91 15.48
C SER A 34 -2.91 29.13 16.62
N PRO A 35 -4.13 28.56 16.50
CA PRO A 35 -5.10 28.63 17.59
C PRO A 35 -4.86 27.57 18.70
N PHE A 36 -3.82 26.76 18.56
CA PHE A 36 -3.57 25.68 19.51
C PHE A 36 -3.34 26.19 20.93
N SER A 37 -4.02 25.55 21.88
CA SER A 37 -3.93 25.89 23.30
C SER A 37 -3.74 24.65 24.20
N GLY A 38 -3.78 23.47 23.60
CA GLY A 38 -3.58 22.24 24.36
C GLY A 38 -4.27 21.05 23.75
N ARG A 39 -4.28 19.95 24.51
CA ARG A 39 -4.87 18.70 24.08
C ARG A 39 -5.72 18.13 25.20
N ASP A 40 -6.98 17.82 24.90
CA ASP A 40 -7.88 17.22 25.90
C ASP A 40 -7.41 15.84 26.33
N HIS A 41 -6.82 15.09 25.41
CA HIS A 41 -6.28 13.74 25.68
C HIS A 41 -7.35 12.76 26.16
N ILE A 42 -8.57 12.93 25.69
CA ILE A 42 -9.59 11.95 25.93
C ILE A 42 -9.15 10.65 25.30
N LEU A 43 -8.51 10.81 24.16
CA LEU A 43 -8.06 9.71 23.35
C LEU A 43 -6.66 10.08 22.94
N PHE A 44 -5.70 9.20 23.27
CA PHE A 44 -4.30 9.39 22.91
C PHE A 44 -3.79 8.09 22.29
N GLY A 45 -3.22 8.17 21.09
CA GLY A 45 -2.68 6.97 20.43
C GLY A 45 -1.25 7.20 19.98
N VAL A 46 -0.41 6.19 20.14
CA VAL A 46 0.98 6.25 19.65
C VAL A 46 1.42 4.91 19.04
N ASN A 47 2.24 5.00 17.98
CA ASN A 47 2.88 3.85 17.35
C ASN A 47 4.36 3.90 17.65
N VAL A 48 4.84 2.90 18.39
CA VAL A 48 6.19 2.96 18.92
C VAL A 48 7.08 1.93 18.25
N LYS A 49 8.30 2.35 17.96
CA LYS A 49 9.38 1.43 17.59
C LYS A 49 10.53 1.55 18.58
N ILE A 50 10.96 0.40 19.08
CA ILE A 50 12.04 0.34 20.04
C ILE A 50 13.20 -0.49 19.50
N SER A 51 14.41 0.04 19.66
CA SER A 51 15.65 -0.63 19.30
C SER A 51 16.61 -0.58 20.47
N VAL A 52 17.25 -1.70 20.76
CA VAL A 52 18.20 -1.74 21.86
C VAL A 52 19.47 -2.45 21.44
N GLY A 53 20.56 -2.11 22.12
CA GLY A 53 21.87 -2.64 21.83
C GLY A 53 22.70 -2.70 23.09
N GLY A 54 23.87 -3.32 22.96
CA GLY A 54 24.75 -3.56 24.09
C GLY A 54 25.67 -4.69 23.72
N THR A 55 26.94 -4.57 24.08
CA THR A 55 27.94 -5.52 23.63
C THR A 55 27.69 -6.93 24.15
N LYS A 56 27.07 -7.04 25.33
CA LYS A 56 26.78 -8.36 25.91
C LYS A 56 25.71 -9.16 25.19
N LEU A 57 25.02 -8.53 24.23
CA LEU A 57 24.07 -9.26 23.36
C LEU A 57 24.72 -10.10 22.27
N LEU A 58 26.03 -9.96 22.13
CA LEU A 58 26.73 -10.57 21.02
C LEU A 58 26.52 -12.07 20.95
N THR A 59 26.55 -12.76 22.08
CA THR A 59 26.48 -14.23 21.98
C THR A 59 25.07 -14.72 21.60
N SER A 60 24.07 -13.87 21.70
CA SER A 60 22.74 -14.23 21.22
C SER A 60 22.77 -14.42 19.70
N PHE A 61 23.64 -13.66 19.05
CA PHE A 61 23.93 -13.81 17.63
C PHE A 61 24.95 -14.90 17.37
N THR A 62 26.08 -14.87 18.05
CA THR A 62 27.19 -15.72 17.66
C THR A 62 27.06 -17.15 18.18
N LYS A 63 26.30 -17.36 19.25
CA LYS A 63 26.21 -18.68 19.86
C LYS A 63 24.79 -19.24 19.93
N GLY A 64 23.79 -18.41 19.64
CA GLY A 64 22.42 -18.81 19.82
C GLY A 64 22.02 -18.87 21.28
N ASP A 65 22.75 -18.11 22.12
CA ASP A 65 22.50 -18.03 23.56
C ASP A 65 21.46 -16.96 23.88
N ASN A 66 20.27 -17.37 24.33
CA ASN A 66 19.18 -16.41 24.57
C ASN A 66 19.12 -15.90 26.00
N SER A 67 20.08 -16.29 26.82
CA SER A 67 20.07 -15.93 28.25
C SER A 67 19.84 -14.44 28.52
N LEU A 68 20.46 -13.57 27.73
CA LEU A 68 20.33 -12.12 27.92
C LEU A 68 19.34 -11.47 26.94
N VAL A 69 18.58 -12.30 26.22
CA VAL A 69 17.62 -11.76 25.28
C VAL A 69 16.28 -11.43 25.96
N VAL A 70 15.99 -10.13 26.03
CA VAL A 70 14.64 -9.66 26.32
C VAL A 70 13.80 -9.89 25.05
N ALA A 71 12.75 -10.69 25.13
CA ALA A 71 12.01 -11.00 23.90
C ALA A 71 11.38 -9.73 23.39
N THR A 72 11.34 -9.58 22.07
CA THR A 72 10.75 -8.41 21.49
C THR A 72 9.28 -8.35 21.85
N ASP A 73 8.66 -9.51 22.04
CA ASP A 73 7.28 -9.53 22.50
C ASP A 73 7.15 -8.89 23.88
N SER A 74 8.14 -9.13 24.76
CA SER A 74 8.14 -8.51 26.07
C SER A 74 8.35 -7.00 25.98
N MET A 75 9.14 -6.56 25.01
CA MET A 75 9.33 -5.12 24.79
C MET A 75 8.00 -4.46 24.48
N LYS A 76 7.23 -5.10 23.62
CA LYS A 76 5.88 -4.64 23.31
C LYS A 76 5.07 -4.51 24.59
N ASN A 77 5.11 -5.53 25.45
CA ASN A 77 4.36 -5.50 26.71
C ASN A 77 4.83 -4.35 27.59
N PHE A 78 6.15 -4.16 27.62
CA PHE A 78 6.78 -3.08 28.40
C PHE A 78 6.19 -1.72 28.00
N ILE A 79 6.16 -1.46 26.70
CA ILE A 79 5.66 -0.18 26.20
C ILE A 79 4.18 0.04 26.49
N GLN A 80 3.36 -0.97 26.24
CA GLN A 80 1.94 -0.83 26.47
C GLN A 80 1.66 -0.62 27.95
N LYS A 81 2.34 -1.39 28.79
CA LYS A 81 2.13 -1.29 30.23
C LYS A 81 2.58 0.07 30.72
N HIS A 82 3.64 0.58 30.14
CA HIS A 82 4.15 1.86 30.59
C HIS A 82 3.26 3.02 30.17
N LEU A 83 2.46 2.86 29.12
CA LEU A 83 1.52 3.92 28.76
C LEU A 83 0.39 3.96 29.78
N ALA A 84 0.06 2.80 30.34
CA ALA A 84 -0.93 2.73 31.40
C ALA A 84 -0.51 3.52 32.64
N SER A 85 0.78 3.52 32.97
CA SER A 85 1.26 4.19 34.19
C SER A 85 1.88 5.58 33.97
N TYR A 86 2.03 5.99 32.70
CA TYR A 86 2.58 7.30 32.38
C TYR A 86 1.69 8.43 32.90
N THR A 87 2.29 9.38 33.61
CA THR A 87 1.54 10.47 34.22
C THR A 87 1.76 11.77 33.47
N GLY A 88 2.51 11.71 32.38
CA GLY A 88 2.86 12.92 31.65
C GLY A 88 1.87 13.25 30.55
N THR A 89 2.25 14.23 29.74
CA THR A 89 1.33 14.86 28.81
C THR A 89 1.84 14.94 27.37
N THR A 90 3.01 14.38 27.08
CA THR A 90 3.55 14.41 25.71
C THR A 90 4.14 13.09 25.29
N ILE A 91 4.19 12.91 23.98
CA ILE A 91 4.80 11.73 23.40
C ILE A 91 6.29 11.76 23.71
N GLU A 92 6.89 12.93 23.62
CA GLU A 92 8.31 13.09 23.95
C GLU A 92 8.54 12.63 25.39
N GLY A 93 7.69 13.07 26.30
CA GLY A 93 7.79 12.68 27.71
C GLY A 93 7.53 11.20 27.93
N PHE A 94 6.61 10.64 27.17
CA PHE A 94 6.35 9.21 27.22
C PHE A 94 7.58 8.39 26.76
N LEU A 95 8.30 8.87 25.76
CA LEU A 95 9.51 8.18 25.29
C LEU A 95 10.63 8.22 26.33
N GLU A 96 10.81 9.34 27.00
CA GLU A 96 11.80 9.43 28.06
C GLU A 96 11.45 8.50 29.23
N TYR A 97 10.17 8.40 29.56
CA TYR A 97 9.72 7.52 30.64
C TYR A 97 10.04 6.07 30.31
N VAL A 98 9.70 5.65 29.10
CA VAL A 98 9.98 4.29 28.66
C VAL A 98 11.48 3.99 28.63
N ALA A 99 12.25 4.91 28.06
CA ALA A 99 13.69 4.73 27.92
C ALA A 99 14.39 4.59 29.28
N THR A 100 14.12 5.54 30.16
CA THR A 100 14.71 5.50 31.49
C THR A 100 14.36 4.21 32.22
N SER A 101 13.09 3.84 32.16
CA SER A 101 12.61 2.70 32.90
C SER A 101 13.24 1.43 32.30
N PHE A 102 13.35 1.38 30.97
CA PHE A 102 13.88 0.18 30.35
C PHE A 102 15.34 -0.04 30.71
N LEU A 103 16.14 1.01 30.59
CA LEU A 103 17.56 0.94 30.94
C LEU A 103 17.80 0.63 32.42
N LYS A 104 17.02 1.27 33.29
CA LYS A 104 17.07 0.98 34.71
C LYS A 104 16.75 -0.51 35.01
N LYS A 105 15.89 -1.13 34.21
CA LYS A 105 15.45 -2.52 34.42
C LYS A 105 16.49 -3.51 33.90
N TYR A 106 17.04 -3.26 32.73
CA TYR A 106 17.94 -4.22 32.07
C TYR A 106 19.34 -3.61 31.94
N SER A 107 20.21 -3.93 32.89
CA SER A 107 21.48 -3.24 33.04
C SER A 107 22.49 -3.60 31.94
N HIS A 108 22.26 -4.72 31.26
CA HIS A 108 23.16 -5.17 30.19
C HIS A 108 22.87 -4.46 28.87
N ILE A 109 21.82 -3.65 28.86
CA ILE A 109 21.50 -2.82 27.70
C ILE A 109 22.19 -1.45 27.79
N GLU A 110 22.97 -1.13 26.77
CA GLU A 110 23.78 0.08 26.79
C GLU A 110 23.16 1.23 26.00
N LYS A 111 22.27 0.91 25.06
CA LYS A 111 21.64 1.91 24.23
C LYS A 111 20.21 1.54 23.86
N ILE A 112 19.33 2.53 23.92
CA ILE A 112 17.96 2.37 23.47
C ILE A 112 17.57 3.54 22.61
N SER A 113 16.89 3.21 21.51
CA SER A 113 16.40 4.18 20.55
C SER A 113 14.89 4.00 20.42
N LEU A 114 14.13 5.08 20.60
CA LEU A 114 12.68 5.05 20.51
C LEU A 114 12.19 5.99 19.43
N ILE A 115 11.28 5.49 18.61
CA ILE A 115 10.49 6.35 17.71
C ILE A 115 9.05 6.23 18.12
N GLY A 116 8.41 7.37 18.31
CA GLY A 116 6.97 7.42 18.56
C GLY A 116 6.29 8.22 17.47
N GLU A 117 5.23 7.66 16.90
CA GLU A 117 4.40 8.36 15.94
C GLU A 117 2.99 8.44 16.48
N GLU A 118 2.47 9.65 16.57
CA GLU A 118 1.13 9.89 17.02
C GLU A 118 0.14 9.25 16.03
N ILE A 119 -0.89 8.60 16.57
CA ILE A 119 -2.08 8.29 15.79
C ILE A 119 -3.08 9.45 16.03
N PRO A 120 -3.24 10.34 15.04
CA PRO A 120 -4.06 11.51 15.30
C PRO A 120 -5.58 11.21 15.27
N PHE A 121 -6.29 11.80 16.21
CA PHE A 121 -7.76 11.71 16.28
C PHE A 121 -8.33 13.12 16.25
N GLU A 122 -9.34 13.35 15.43
CA GLU A 122 -9.95 14.66 15.31
C GLU A 122 -11.32 14.66 15.96
N THR A 123 -11.77 15.84 16.36
CA THR A 123 -13.05 15.98 17.00
C THR A 123 -14.15 15.86 15.97
N THR A 124 -15.35 15.50 16.42
CA THR A 124 -16.51 15.33 15.56
C THR A 124 -17.69 16.11 16.14
N PHE A 125 -18.75 16.28 15.35
CA PHE A 125 -19.97 16.95 15.86
C PHE A 125 -20.98 15.95 16.39
N ALA A 126 -21.67 16.34 17.48
CA ALA A 126 -22.85 15.62 17.97
C ALA A 126 -23.89 16.63 18.47
N VAL A 127 -25.15 16.22 18.45
CA VAL A 127 -26.26 17.08 18.88
C VAL A 127 -26.84 16.65 20.22
N ARG A 132 -25.69 20.23 20.02
CA ARG A 132 -24.94 20.78 18.89
C ARG A 132 -23.54 21.25 19.26
N ALA A 133 -22.64 20.32 19.54
CA ALA A 133 -21.28 20.66 19.97
C ALA A 133 -20.25 19.55 19.69
N ALA A 134 -19.00 19.79 20.07
CA ALA A 134 -17.95 18.79 19.87
C ALA A 134 -18.19 17.60 20.79
N SER A 135 -18.10 16.39 20.23
CA SER A 135 -18.32 15.17 20.99
C SER A 135 -17.16 14.88 21.93
N GLU A 136 -17.47 14.51 23.17
CA GLU A 136 -16.43 14.03 24.09
C GLU A 136 -16.27 12.50 24.04
N LEU A 137 -17.00 11.84 23.14
CA LEU A 137 -17.01 10.38 23.02
C LEU A 137 -16.60 9.88 21.65
N VAL A 138 -16.98 10.60 20.59
CA VAL A 138 -16.71 10.12 19.24
C VAL A 138 -15.64 10.95 18.57
N PHE A 139 -14.62 10.26 18.10
CA PHE A 139 -13.49 10.90 17.43
C PHE A 139 -13.25 10.24 16.08
N LYS A 140 -12.71 11.03 15.16
CA LYS A 140 -12.39 10.52 13.84
C LYS A 140 -10.91 10.17 13.75
N LYS A 141 -10.59 8.94 13.34
CA LYS A 141 -9.19 8.57 13.13
C LYS A 141 -8.69 9.20 11.84
N SER A 142 -7.60 9.94 11.91
CA SER A 142 -7.10 10.68 10.76
C SER A 142 -5.89 10.04 10.13
N ARG A 143 -5.83 10.08 8.80
CA ARG A 143 -4.68 9.61 8.06
C ARG A 143 -3.84 10.78 7.55
N ASN A 144 -4.09 11.95 8.12
CA ASN A 144 -3.36 13.12 7.70
C ASN A 144 -2.14 13.34 8.60
N GLU A 145 -1.75 14.58 8.82
CA GLU A 145 -0.48 14.86 9.44
C GLU A 145 -0.48 14.42 10.91
N TYR A 146 0.69 14.04 11.39
CA TYR A 146 0.78 13.52 12.76
C TYR A 146 2.10 13.90 13.45
N ALA A 147 2.05 14.05 14.77
CA ALA A 147 3.24 14.34 15.58
C ALA A 147 4.16 13.15 15.64
N THR A 148 5.47 13.42 15.69
CA THR A 148 6.47 12.38 15.94
C THR A 148 7.47 12.78 17.04
N ALA A 149 8.16 11.78 17.58
CA ALA A 149 9.19 11.98 18.58
C ALA A 149 10.24 10.90 18.43
N TYR A 150 11.46 11.28 18.76
CA TYR A 150 12.62 10.42 18.62
C TYR A 150 13.51 10.63 19.83
N LEU A 151 13.93 9.55 20.46
CA LEU A 151 14.80 9.64 21.62
C LEU A 151 15.84 8.51 21.60
N ASN A 152 17.10 8.88 21.83
CA ASN A 152 18.18 7.91 22.02
C ASN A 152 18.80 8.12 23.37
N MET A 153 18.93 7.04 24.14
CA MET A 153 19.48 7.11 25.49
C MET A 153 20.54 6.04 25.67
N VAL A 154 21.58 6.37 26.41
CA VAL A 154 22.67 5.44 26.61
C VAL A 154 22.99 5.30 28.09
N ARG A 155 23.53 4.14 28.45
CA ARG A 155 24.16 3.95 29.74
C ARG A 155 25.65 4.11 29.56
N ASN A 156 26.25 5.07 30.25
CA ASN A 156 27.70 5.27 30.25
C ASN A 156 28.42 4.27 31.13
N GLU A 157 29.74 4.24 31.00
CA GLU A 157 30.55 3.28 31.72
C GLU A 157 30.47 3.54 33.21
N ASP A 158 30.07 4.75 33.62
CA ASP A 158 29.90 5.02 35.04
C ASP A 158 28.46 4.78 35.51
N ASN A 159 27.65 4.15 34.65
CA ASN A 159 26.27 3.75 34.96
C ASN A 159 25.30 4.94 35.06
N THR A 160 25.75 6.12 34.67
CA THR A 160 24.82 7.22 34.46
C THR A 160 24.10 7.04 33.12
N LEU A 161 22.87 7.54 33.04
CA LEU A 161 22.11 7.48 31.79
C LEU A 161 22.11 8.86 31.15
N ASN A 162 22.24 8.89 29.83
CA ASN A 162 22.27 10.14 29.09
C ASN A 162 21.47 10.04 27.81
N ILE A 163 20.73 11.10 27.55
CA ILE A 163 20.05 11.31 26.30
C ILE A 163 21.05 11.85 25.32
N THR A 164 21.26 11.13 24.24
CA THR A 164 22.26 11.52 23.25
C THR A 164 21.66 12.13 22.00
N GLU A 165 20.37 11.89 21.79
CA GLU A 165 19.65 12.50 20.67
C GLU A 165 18.19 12.68 21.07
N GLN A 166 17.63 13.84 20.77
CA GLN A 166 16.19 14.02 20.90
C GLN A 166 15.74 14.87 19.76
N GLN A 167 14.62 14.48 19.17
CA GLN A 167 14.06 15.19 18.05
C GLN A 167 12.54 15.03 18.01
N SER A 168 11.85 16.15 17.86
CA SER A 168 10.40 16.19 17.72
C SER A 168 10.05 16.41 16.27
N GLY A 169 8.84 16.06 15.87
CA GLY A 169 8.46 16.20 14.48
C GLY A 169 6.98 16.31 14.19
N LEU A 170 6.73 16.77 12.98
CA LEU A 170 5.43 16.74 12.33
C LEU A 170 5.64 16.06 10.99
N ALA A 171 4.87 15.01 10.70
CA ALA A 171 5.02 14.25 9.45
C ALA A 171 3.74 14.21 8.62
N GLY A 172 3.87 14.12 7.30
CA GLY A 172 2.72 13.80 6.48
C GLY A 172 1.83 14.98 6.14
N LEU A 173 2.40 16.17 6.13
CA LEU A 173 1.61 17.37 5.85
C LEU A 173 1.59 17.64 4.35
N GLN A 174 0.40 17.61 3.77
CA GLN A 174 0.24 17.80 2.33
C GLN A 174 -0.50 19.10 2.06
N LEU A 175 0.25 20.10 1.58
CA LEU A 175 -0.24 21.43 1.30
C LEU A 175 -0.15 21.74 -0.19
N ILE A 176 -1.20 22.38 -0.69
CA ILE A 176 -1.20 22.84 -2.08
C ILE A 176 -1.62 24.30 -2.08
N LYS A 177 -0.79 25.13 -2.72
CA LYS A 177 -1.10 26.54 -2.89
C LYS A 177 -1.41 26.83 -4.37
N VAL A 178 -2.64 27.27 -4.64
CA VAL A 178 -3.17 27.24 -6.00
C VAL A 178 -2.47 28.23 -6.92
N SER A 179 -1.90 29.30 -6.37
CA SER A 179 -1.20 30.31 -7.17
C SER A 179 -0.21 31.10 -6.31
N GLY A 180 0.59 31.97 -6.93
CA GLY A 180 1.61 32.73 -6.22
C GLY A 180 2.84 31.90 -5.89
N ASN A 181 3.24 31.08 -6.85
CA ASN A 181 4.47 30.32 -6.78
C ASN A 181 5.16 30.34 -8.13
N SER A 182 6.48 30.51 -8.16
CA SER A 182 7.20 30.42 -9.42
C SER A 182 8.37 29.47 -9.31
N PHE A 183 8.85 29.02 -10.47
CA PHE A 183 10.11 28.32 -10.56
C PHE A 183 10.74 28.65 -11.91
N VAL A 184 11.58 29.68 -11.87
CA VAL A 184 12.28 30.20 -13.03
C VAL A 184 13.78 30.36 -12.73
N GLY A 185 14.60 30.46 -13.77
CA GLY A 185 15.99 30.89 -13.59
C GLY A 185 16.94 29.76 -13.29
N PHE A 186 16.41 28.54 -13.31
CA PHE A 186 17.25 27.36 -13.08
C PHE A 186 18.08 27.00 -14.33
N ILE A 187 19.04 26.10 -14.13
CA ILE A 187 19.98 25.74 -15.20
C ILE A 187 19.24 25.11 -16.36
N ARG A 188 19.52 25.62 -17.56
CA ARG A 188 19.03 24.99 -18.80
C ARG A 188 20.21 24.48 -19.60
N ASP A 189 20.22 23.19 -19.88
CA ASP A 189 21.24 22.62 -20.75
C ASP A 189 20.65 21.45 -21.54
N GLU A 190 21.51 20.57 -22.04
CA GLU A 190 21.04 19.43 -22.84
C GLU A 190 20.01 18.54 -22.12
N TYR A 191 19.96 18.61 -20.80
CA TYR A 191 19.09 17.70 -20.04
C TYR A 191 17.84 18.38 -19.52
N THR A 192 17.64 19.64 -19.87
CA THR A 192 16.52 20.41 -19.36
C THR A 192 15.39 20.48 -20.40
N THR A 193 14.21 20.04 -20.00
CA THR A 193 13.00 20.22 -20.80
C THR A 193 11.93 20.94 -20.00
N LEU A 194 12.12 21.06 -18.69
CA LEU A 194 11.17 21.74 -17.83
C LEU A 194 11.01 23.19 -18.27
N PRO A 195 9.78 23.60 -18.63
CA PRO A 195 9.60 25.03 -18.88
C PRO A 195 9.64 25.87 -17.60
N GLU A 196 10.05 27.12 -17.75
CA GLU A 196 9.96 28.07 -16.65
C GLU A 196 8.50 28.36 -16.37
N ASP A 197 8.13 28.45 -15.10
CA ASP A 197 6.74 28.75 -14.74
C ASP A 197 6.69 29.88 -13.72
N SER A 198 5.98 30.93 -14.07
CA SER A 198 5.89 32.08 -13.19
C SER A 198 4.70 32.00 -12.23
N ASN A 199 3.82 31.02 -12.46
CA ASN A 199 2.67 30.81 -11.59
C ASN A 199 2.16 29.38 -11.61
N ARG A 200 2.68 28.57 -10.70
CA ARG A 200 2.31 27.16 -10.60
C ARG A 200 1.53 26.88 -9.32
N PRO A 201 0.73 25.81 -9.31
CA PRO A 201 0.03 25.41 -8.08
C PRO A 201 0.86 24.47 -7.19
N LEU A 202 1.82 25.01 -6.45
CA LEU A 202 2.80 24.19 -5.74
C LEU A 202 2.18 23.23 -4.70
N PHE A 203 2.46 21.95 -4.88
CA PHE A 203 2.05 20.88 -3.97
C PHE A 203 3.29 20.34 -3.25
N VAL A 204 3.39 20.60 -1.95
CA VAL A 204 4.48 20.03 -1.15
C VAL A 204 3.96 19.03 -0.13
N TYR A 205 4.74 17.97 0.04
CA TYR A 205 4.55 16.99 1.11
C TYR A 205 5.65 17.33 2.12
N LEU A 206 5.28 17.67 3.36
CA LEU A 206 6.25 18.14 4.34
C LEU A 206 6.43 17.25 5.55
N ASN A 207 7.68 16.95 5.84
CA ASN A 207 8.08 16.40 7.14
C ASN A 207 8.98 17.45 7.79
N ILE A 208 8.63 17.87 9.00
CA ILE A 208 9.35 18.90 9.72
C ILE A 208 9.77 18.37 11.07
N LYS A 209 11.06 18.48 11.39
CA LYS A 209 11.62 17.96 12.64
C LYS A 209 12.43 19.02 13.36
N TRP A 210 12.28 19.09 14.69
CA TRP A 210 12.96 20.15 15.43
C TRP A 210 13.66 19.62 16.67
N LYS A 211 14.71 20.34 17.08
CA LYS A 211 15.47 20.00 18.28
C LYS A 211 15.52 21.19 19.22
N TYR A 212 15.30 20.90 20.50
CA TYR A 212 15.38 21.88 21.57
C TYR A 212 16.82 22.15 22.02
N LYS A 213 17.06 23.40 22.42
CA LYS A 213 18.30 23.76 23.11
C LYS A 213 18.41 22.96 24.41
N ASN A 214 17.31 22.93 25.16
CA ASN A 214 17.21 22.19 26.43
C ASN A 214 16.24 21.03 26.32
N THR A 215 16.74 19.81 26.46
CA THR A 215 15.95 18.61 26.17
C THR A 215 14.71 18.49 27.04
N GLU A 216 14.80 18.96 28.28
CA GLU A 216 13.71 18.82 29.24
C GLU A 216 12.46 19.56 28.76
N ASP A 217 12.66 20.59 27.96
CA ASP A 217 11.58 21.37 27.38
C ASP A 217 10.70 20.54 26.46
N SER A 218 11.26 19.46 25.92
CA SER A 218 10.49 18.60 25.03
C SER A 218 9.48 17.77 25.81
N PHE A 219 9.68 17.63 27.12
CA PHE A 219 8.86 16.73 27.93
C PHE A 219 7.48 17.26 28.32
N GLY A 220 7.30 18.58 28.27
CA GLY A 220 6.04 19.19 28.64
C GLY A 220 5.87 19.48 30.13
N THR A 221 6.91 19.21 30.93
CA THR A 221 6.85 19.49 32.35
C THR A 221 6.60 20.99 32.60
N ASN A 222 7.28 21.85 31.84
CA ASN A 222 6.92 23.27 31.75
C ASN A 222 6.23 23.54 30.41
N PRO A 223 4.89 23.49 30.39
CA PRO A 223 4.15 23.55 29.12
C PRO A 223 4.46 24.79 28.29
N GLU A 224 4.80 25.89 28.95
CA GLU A 224 5.06 27.14 28.24
C GLU A 224 6.26 27.02 27.30
N ASN A 225 7.13 26.04 27.54
CA ASN A 225 8.30 25.84 26.71
C ASN A 225 8.14 24.71 25.69
N TYR A 226 7.00 24.03 25.71
CA TYR A 226 6.76 22.93 24.77
C TYR A 226 6.40 23.46 23.39
N VAL A 227 6.96 22.88 22.34
CA VAL A 227 6.59 23.25 20.98
C VAL A 227 5.70 22.15 20.42
N ALA A 228 4.44 22.48 20.18
CA ALA A 228 3.47 21.49 19.69
C ALA A 228 3.50 21.36 18.16
N ALA A 229 3.40 20.13 17.68
CA ALA A 229 3.38 19.87 16.25
C ALA A 229 2.26 20.63 15.53
N GLU A 230 1.14 20.82 16.22
CA GLU A 230 -0.01 21.56 15.66
C GLU A 230 0.37 23.01 15.37
N GLN A 231 1.20 23.58 16.24
CA GLN A 231 1.68 24.94 16.04
C GLN A 231 2.61 25.01 14.82
N ILE A 232 3.45 24.01 14.66
CA ILE A 232 4.36 23.94 13.51
C ILE A 232 3.58 23.82 12.20
N ARG A 233 2.54 22.98 12.23
CA ARG A 233 1.61 22.85 11.10
C ARG A 233 1.09 24.20 10.64
N ASP A 234 0.64 25.02 11.59
CA ASP A 234 -0.05 26.24 11.25
C ASP A 234 0.93 27.31 10.80
N ILE A 235 2.15 27.25 11.31
CA ILE A 235 3.22 28.15 10.87
C ILE A 235 3.52 27.85 9.40
N ALA A 236 3.63 26.57 9.10
CA ALA A 236 3.91 26.09 7.75
C ALA A 236 2.87 26.60 6.75
N THR A 237 1.59 26.51 7.11
CA THR A 237 0.53 26.95 6.19
C THR A 237 0.47 28.46 6.11
N SER A 238 0.66 29.15 7.23
CA SER A 238 0.70 30.60 7.19
C SER A 238 1.85 31.11 6.30
N VAL A 239 3.05 30.56 6.48
CA VAL A 239 4.20 31.05 5.72
C VAL A 239 4.01 30.77 4.23
N PHE A 240 3.47 29.61 3.92
CA PHE A 240 3.20 29.21 2.55
C PHE A 240 2.21 30.20 1.94
N HIS A 241 1.19 30.56 2.71
CA HIS A 241 0.22 31.54 2.25
C HIS A 241 0.89 32.89 1.95
N GLU A 242 1.65 33.38 2.93
CA GLU A 242 2.23 34.73 2.87
C GLU A 242 3.26 34.90 1.76
N THR A 243 3.85 33.79 1.31
CA THR A 243 5.07 33.84 0.50
C THR A 243 4.79 33.64 -0.97
N GLU A 244 5.28 34.57 -1.80
CA GLU A 244 5.37 34.31 -3.23
C GLU A 244 6.61 33.43 -3.44
N THR A 245 6.42 32.12 -3.48
CA THR A 245 7.56 31.21 -3.39
C THR A 245 8.32 31.21 -4.71
N LEU A 246 9.63 30.97 -4.61
CA LEU A 246 10.50 30.95 -5.78
C LEU A 246 10.98 29.53 -6.07
N SER A 247 10.75 28.64 -5.11
CA SER A 247 11.11 27.23 -5.20
C SER A 247 10.63 26.59 -3.91
N ILE A 248 10.69 25.27 -3.82
CA ILE A 248 10.40 24.64 -2.54
C ILE A 248 11.53 24.96 -1.58
N GLN A 249 12.74 25.07 -2.11
CA GLN A 249 13.91 25.36 -1.31
C GLN A 249 13.73 26.67 -0.58
N HIS A 250 13.25 27.66 -1.33
CA HIS A 250 13.00 29.01 -0.84
C HIS A 250 11.93 29.01 0.26
N LEU A 251 10.87 28.26 0.03
CA LEU A 251 9.78 28.20 0.98
C LEU A 251 10.22 27.58 2.29
N ILE A 252 10.85 26.41 2.24
CA ILE A 252 11.15 25.72 3.50
C ILE A 252 12.19 26.50 4.32
N TYR A 253 13.05 27.28 3.68
CA TYR A 253 13.95 28.14 4.44
C TYR A 253 13.14 29.14 5.26
N LEU A 254 12.13 29.72 4.63
CA LEU A 254 11.32 30.74 5.27
C LEU A 254 10.42 30.14 6.35
N ILE A 255 9.92 28.94 6.13
CA ILE A 255 9.13 28.27 7.14
C ILE A 255 10.03 28.04 8.36
N GLY A 256 11.23 27.53 8.09
CA GLY A 256 12.25 27.32 9.12
C GLY A 256 12.56 28.56 9.93
N ARG A 257 12.77 29.67 9.25
CA ARG A 257 13.11 30.92 9.91
C ARG A 257 11.97 31.38 10.83
N ARG A 258 10.72 31.20 10.39
CA ARG A 258 9.58 31.63 11.19
C ARG A 258 9.44 30.76 12.44
N ILE A 259 9.69 29.47 12.30
CA ILE A 259 9.68 28.56 13.42
C ILE A 259 10.72 28.96 14.49
N LEU A 260 11.93 29.28 14.05
CA LEU A 260 13.01 29.60 14.98
C LEU A 260 12.81 30.97 15.64
N GLU A 261 12.05 31.86 15.00
CA GLU A 261 11.77 33.16 15.58
C GLU A 261 10.67 33.05 16.62
N ARG A 262 9.65 32.24 16.33
CA ARG A 262 8.53 32.01 17.25
C ARG A 262 8.92 31.20 18.45
N PHE A 263 9.84 30.27 18.25
CA PHE A 263 10.27 29.36 19.29
C PHE A 263 11.79 29.45 19.51
N PRO A 264 12.21 30.49 20.25
CA PRO A 264 13.63 30.65 20.54
C PRO A 264 14.22 29.56 21.43
N GLN A 265 13.39 28.69 21.99
CA GLN A 265 13.92 27.57 22.77
C GLN A 265 14.41 26.46 21.86
N LEU A 266 14.20 26.62 20.55
CA LEU A 266 14.64 25.61 19.59
C LEU A 266 16.04 25.91 19.07
N GLN A 267 16.78 24.85 18.79
CA GLN A 267 18.15 24.91 18.29
C GLN A 267 18.17 24.84 16.76
N GLU A 268 17.28 24.02 16.20
CA GLU A 268 17.26 23.75 14.76
C GLU A 268 15.92 23.22 14.28
N VAL A 269 15.69 23.38 12.98
CA VAL A 269 14.57 22.79 12.29
C VAL A 269 15.09 22.10 11.03
N TYR A 270 14.71 20.84 10.87
CA TYR A 270 15.05 20.05 9.69
C TYR A 270 13.82 19.81 8.85
N PHE A 271 14.00 19.93 7.53
CA PHE A 271 12.93 19.70 6.56
C PHE A 271 13.24 18.54 5.62
N GLU A 272 12.26 17.70 5.42
CA GLU A 272 12.30 16.73 4.33
C GLU A 272 10.99 16.94 3.58
N SER A 273 11.10 17.53 2.40
CA SER A 273 9.94 17.89 1.61
C SER A 273 9.95 17.15 0.28
N GLN A 274 8.77 17.00 -0.30
CA GLN A 274 8.64 16.43 -1.63
C GLN A 274 7.71 17.29 -2.46
N ASN A 275 8.00 17.36 -3.76
CA ASN A 275 7.25 18.12 -4.77
C ASN A 275 6.35 17.22 -5.56
N HIS A 276 5.05 17.42 -5.43
CA HIS A 276 4.04 16.61 -6.14
C HIS A 276 3.08 17.52 -6.93
N THR A 277 3.62 18.62 -7.46
CA THR A 277 2.79 19.57 -8.20
C THR A 277 2.16 18.97 -9.47
N TRP A 278 0.90 19.32 -9.68
CA TRP A 278 0.10 18.88 -10.83
C TRP A 278 0.56 19.44 -12.18
N ASP A 279 0.36 18.66 -13.24
CA ASP A 279 0.57 19.13 -14.60
C ASP A 279 -0.67 19.91 -15.06
N LYS A 280 -0.46 21.02 -15.75
CA LYS A 280 -1.56 21.83 -16.26
C LYS A 280 -2.05 21.19 -17.57
N ILE A 281 -3.36 21.16 -17.76
CA ILE A 281 -4.00 20.61 -18.98
C ILE A 281 -4.74 21.69 -19.76
N VAL A 282 -5.40 22.57 -19.02
CA VAL A 282 -6.17 23.67 -19.58
C VAL A 282 -5.75 24.94 -18.86
N GLU A 283 -5.26 25.94 -19.59
CA GLU A 283 -4.77 27.16 -18.98
C GLU A 283 -5.81 28.27 -19.01
N GLU A 284 -6.72 28.20 -19.98
CA GLU A 284 -7.73 29.24 -20.16
C GLU A 284 -9.13 28.66 -20.36
N ILE A 285 -10.04 29.06 -19.47
CA ILE A 285 -11.43 28.63 -19.53
C ILE A 285 -12.36 29.79 -19.86
N GLY A 290 -10.56 29.97 -13.61
CA GLY A 290 -10.21 28.59 -13.28
C GLY A 290 -9.30 27.94 -14.32
N LYS A 291 -8.65 26.85 -13.92
CA LYS A 291 -7.82 26.06 -14.80
C LYS A 291 -8.05 24.57 -14.46
N VAL A 292 -7.59 23.66 -15.31
CA VAL A 292 -7.61 22.23 -14.98
C VAL A 292 -6.20 21.62 -14.97
N TYR A 293 -5.88 20.86 -13.92
CA TYR A 293 -4.59 20.19 -13.79
C TYR A 293 -4.80 18.70 -13.64
N THR A 294 -3.72 17.94 -13.73
CA THR A 294 -3.83 16.49 -13.50
C THR A 294 -2.63 15.96 -12.72
N GLU A 295 -2.71 14.71 -12.27
CA GLU A 295 -1.64 14.09 -11.51
C GLU A 295 -0.39 13.85 -12.37
N PRO A 296 0.80 14.22 -11.84
CA PRO A 296 2.03 13.95 -12.61
C PRO A 296 2.42 12.48 -12.58
N CYS A 297 3.46 12.16 -13.34
CA CYS A 297 4.07 10.84 -13.37
C CYS A 297 4.79 10.54 -12.04
N PRO A 298 5.30 9.31 -11.87
CA PRO A 298 5.88 8.92 -10.57
C PRO A 298 7.04 9.73 -10.01
N PRO A 299 7.97 10.19 -10.86
CA PRO A 299 9.13 10.85 -10.26
C PRO A 299 8.76 12.03 -9.35
N TYR A 300 9.40 12.16 -8.19
CA TYR A 300 9.06 13.26 -7.27
C TYR A 300 10.32 13.95 -6.85
N GLY A 301 10.30 15.28 -6.88
CA GLY A 301 11.40 16.07 -6.36
C GLY A 301 11.40 16.03 -4.83
N PHE A 302 12.58 16.11 -4.21
CA PHE A 302 12.65 16.29 -2.78
C PHE A 302 13.79 17.22 -2.39
N GLN A 303 13.66 17.77 -1.20
CA GLN A 303 14.59 18.72 -0.64
C GLN A 303 14.80 18.33 0.81
N CYS A 304 16.04 18.48 1.26
CA CYS A 304 16.39 18.19 2.63
C CYS A 304 17.24 19.35 3.13
N PHE A 305 16.80 20.01 4.20
CA PHE A 305 17.44 21.25 4.63
C PHE A 305 17.32 21.48 6.13
N THR A 306 18.41 21.93 6.74
CA THR A 306 18.39 22.31 8.14
C THR A 306 18.57 23.80 8.33
N VAL A 307 17.69 24.41 9.09
CA VAL A 307 17.83 25.81 9.49
C VAL A 307 18.24 25.81 10.96
N THR A 308 19.26 26.60 11.32
CA THR A 308 19.73 26.63 12.71
C THR A 308 19.74 28.03 13.29
N GLN A 309 19.80 28.06 14.62
CA GLN A 309 19.47 29.24 15.40
C GLN A 309 20.72 29.91 15.91
N VAL B 7 22.52 20.14 7.17
CA VAL B 7 22.01 19.31 6.09
C VAL B 7 21.48 20.16 4.95
N MET B 8 21.82 19.78 3.73
CA MET B 8 21.35 20.48 2.54
C MET B 8 21.58 19.62 1.31
N TYR B 9 20.51 18.97 0.87
CA TYR B 9 20.56 18.09 -0.28
C TYR B 9 19.20 18.23 -0.96
N TYR B 10 19.14 17.92 -2.25
CA TYR B 10 17.86 17.84 -2.97
C TYR B 10 18.07 16.88 -4.13
N GLY B 11 16.96 16.37 -4.68
CA GLY B 11 17.04 15.50 -5.82
C GLY B 11 15.70 14.95 -6.28
N LYS B 12 15.74 13.74 -6.83
CA LYS B 12 14.60 13.12 -7.46
C LYS B 12 14.50 11.67 -7.05
N GLY B 13 13.29 11.27 -6.66
CA GLY B 13 13.00 9.87 -6.36
C GLY B 13 12.04 9.26 -7.36
N ASP B 14 12.00 7.93 -7.36
CA ASP B 14 11.11 7.14 -8.20
C ASP B 14 11.34 7.46 -9.69
N VAL B 15 12.61 7.62 -10.05
CA VAL B 15 12.96 7.66 -11.45
C VAL B 15 13.10 6.23 -11.99
N PHE B 16 12.01 5.72 -12.55
CA PHE B 16 12.00 4.43 -13.22
C PHE B 16 12.61 4.50 -14.60
N ALA B 17 13.37 3.47 -14.95
CA ALA B 17 14.00 3.39 -16.25
C ALA B 17 14.14 1.94 -16.62
N TYR B 18 13.63 1.61 -17.80
CA TYR B 18 13.58 0.25 -18.32
C TYR B 18 14.34 0.21 -19.61
N ARG B 19 15.30 -0.70 -19.70
CA ARG B 19 16.15 -0.81 -20.88
C ARG B 19 16.01 -2.23 -21.43
N THR B 20 15.91 -2.34 -22.74
CA THR B 20 16.02 -3.64 -23.37
C THR B 20 17.40 -3.85 -23.93
N TYR B 21 17.78 -5.12 -23.93
CA TYR B 21 19.04 -5.61 -24.47
C TYR B 21 20.23 -4.85 -23.95
N LEU B 22 20.34 -4.81 -22.63
CA LEU B 22 21.55 -4.39 -21.98
C LEU B 22 22.56 -5.49 -22.22
N LYS B 23 23.84 -5.12 -22.20
CA LYS B 23 24.92 -6.11 -22.31
C LYS B 23 24.74 -7.16 -21.20
N PRO B 24 24.80 -8.45 -21.56
CA PRO B 24 24.51 -9.47 -20.53
C PRO B 24 25.60 -9.58 -19.50
N LEU B 25 25.22 -10.04 -18.31
CA LEU B 25 26.17 -10.35 -17.27
C LEU B 25 26.48 -11.85 -17.36
N THR B 26 27.73 -12.16 -17.64
CA THR B 26 28.19 -13.55 -17.72
C THR B 26 29.60 -13.58 -17.18
N GLY B 27 30.18 -14.77 -17.07
CA GLY B 27 31.55 -14.90 -16.61
C GLY B 27 31.66 -14.71 -15.11
N VAL B 28 30.54 -14.84 -14.40
CA VAL B 28 30.57 -14.78 -12.94
C VAL B 28 31.08 -16.09 -12.36
N ARG B 29 31.53 -16.05 -11.12
CA ARG B 29 32.03 -17.24 -10.44
C ARG B 29 30.90 -17.88 -9.64
N THR B 30 30.77 -19.20 -9.74
CA THR B 30 29.66 -19.91 -9.10
C THR B 30 29.97 -20.33 -7.68
N ILE B 31 28.90 -20.62 -6.93
CA ILE B 31 29.00 -21.14 -5.58
C ILE B 31 28.07 -22.37 -5.44
N PRO B 32 28.38 -23.27 -4.52
CA PRO B 32 27.58 -24.48 -4.35
C PRO B 32 26.10 -24.22 -4.06
N GLU B 33 25.82 -23.14 -3.33
CA GLU B 33 24.44 -22.87 -2.93
C GLU B 33 23.54 -22.37 -4.05
N SER B 34 24.14 -21.91 -5.15
CA SER B 34 23.35 -21.20 -6.17
C SER B 34 23.60 -21.69 -7.59
N PRO B 35 22.51 -21.93 -8.36
CA PRO B 35 22.72 -22.23 -9.77
C PRO B 35 22.91 -20.97 -10.63
N PHE B 36 22.98 -19.80 -10.01
CA PHE B 36 23.09 -18.54 -10.75
C PHE B 36 24.27 -18.55 -11.72
N SER B 37 24.01 -18.27 -13.00
CA SER B 37 25.06 -18.26 -14.03
C SER B 37 25.14 -16.94 -14.82
N GLY B 38 24.29 -15.98 -14.44
CA GLY B 38 24.29 -14.66 -15.06
C GLY B 38 22.90 -14.12 -15.42
N ARG B 39 22.88 -13.03 -16.19
CA ARG B 39 21.64 -12.33 -16.56
C ARG B 39 21.69 -12.00 -18.03
N ASP B 40 20.66 -12.38 -18.78
CA ASP B 40 20.70 -12.16 -20.23
C ASP B 40 20.31 -10.72 -20.58
N HIS B 41 19.62 -10.04 -19.67
CA HIS B 41 19.32 -8.63 -19.78
C HIS B 41 18.55 -8.28 -21.05
N ILE B 42 17.68 -9.17 -21.49
CA ILE B 42 16.69 -8.80 -22.49
C ILE B 42 15.91 -7.61 -21.95
N LEU B 43 15.62 -7.64 -20.67
CA LEU B 43 14.92 -6.55 -20.03
C LEU B 43 15.64 -6.25 -18.73
N PHE B 44 15.97 -4.98 -18.55
CA PHE B 44 16.67 -4.48 -17.35
C PHE B 44 15.88 -3.28 -16.83
N GLY B 45 15.44 -3.33 -15.58
CA GLY B 45 14.69 -2.21 -15.02
C GLY B 45 15.25 -1.75 -13.70
N VAL B 46 15.28 -0.43 -13.50
CA VAL B 46 15.75 0.12 -12.26
C VAL B 46 14.89 1.32 -11.82
N ASN B 47 14.69 1.41 -10.51
CA ASN B 47 14.11 2.56 -9.86
C ASN B 47 15.24 3.30 -9.17
N VAL B 48 15.48 4.54 -9.57
CA VAL B 48 16.63 5.32 -9.09
C VAL B 48 16.21 6.54 -8.24
N LYS B 49 16.94 6.76 -7.16
CA LYS B 49 16.83 7.99 -6.39
C LYS B 49 18.19 8.70 -6.40
N ILE B 50 18.21 9.98 -6.75
CA ILE B 50 19.43 10.77 -6.80
C ILE B 50 19.34 11.94 -5.80
N SER B 51 20.39 12.14 -5.01
CA SER B 51 20.50 13.28 -4.10
C SER B 51 21.79 14.01 -4.42
N VAL B 52 21.76 15.33 -4.51
CA VAL B 52 23.00 16.06 -4.71
C VAL B 52 23.16 17.16 -3.66
N GLY B 53 24.40 17.55 -3.43
CA GLY B 53 24.70 18.61 -2.47
C GLY B 53 25.90 19.44 -2.90
N GLY B 54 26.08 20.58 -2.26
CA GLY B 54 27.16 21.49 -2.61
C GLY B 54 26.92 22.84 -1.97
N THR B 55 27.96 23.43 -1.39
CA THR B 55 27.80 24.66 -0.60
C THR B 55 27.25 25.78 -1.46
N LYS B 56 27.49 25.68 -2.76
CA LYS B 56 27.02 26.70 -3.69
C LYS B 56 25.54 26.61 -3.96
N LEU B 57 24.87 25.60 -3.40
CA LEU B 57 23.42 25.52 -3.53
C LEU B 57 22.73 26.38 -2.47
N LEU B 58 23.50 26.88 -1.50
CA LEU B 58 22.93 27.56 -0.32
C LEU B 58 21.90 28.63 -0.69
N THR B 59 22.25 29.47 -1.63
CA THR B 59 21.45 30.64 -1.98
C THR B 59 20.15 30.24 -2.70
N SER B 60 20.09 29.04 -3.26
CA SER B 60 18.82 28.52 -3.76
C SER B 60 17.83 28.43 -2.61
N PHE B 61 18.33 28.16 -1.41
CA PHE B 61 17.48 28.12 -0.22
C PHE B 61 17.31 29.51 0.44
N THR B 62 18.42 30.20 0.67
CA THR B 62 18.40 31.43 1.47
C THR B 62 17.94 32.67 0.73
N LYS B 63 18.02 32.65 -0.61
CA LYS B 63 17.70 33.81 -1.42
C LYS B 63 16.68 33.53 -2.53
N GLY B 64 16.28 32.28 -2.71
CA GLY B 64 15.39 31.93 -3.79
C GLY B 64 16.01 32.16 -5.16
N ASP B 65 17.33 32.04 -5.21
CA ASP B 65 18.11 32.21 -6.44
C ASP B 65 18.39 30.86 -7.08
N ASN B 66 17.90 30.68 -8.30
CA ASN B 66 17.90 29.35 -8.90
C ASN B 66 19.01 29.14 -9.91
N SER B 67 19.88 30.12 -10.05
CA SER B 67 20.87 30.10 -11.10
C SER B 67 21.83 28.89 -11.05
N LEU B 68 22.07 28.29 -9.88
CA LEU B 68 22.93 27.10 -9.79
C LEU B 68 22.12 25.82 -9.58
N VAL B 69 20.82 25.94 -9.70
CA VAL B 69 19.94 24.81 -9.51
C VAL B 69 19.78 23.97 -10.80
N VAL B 70 20.15 22.71 -10.71
CA VAL B 70 19.79 21.69 -11.70
C VAL B 70 18.38 21.25 -11.36
N ALA B 71 17.46 21.43 -12.30
CA ALA B 71 16.08 21.05 -12.05
C ALA B 71 16.04 19.54 -11.75
N THR B 72 15.23 19.12 -10.79
CA THR B 72 15.18 17.70 -10.44
C THR B 72 14.59 16.97 -11.65
N ASP B 73 13.79 17.67 -12.45
CA ASP B 73 13.27 17.08 -13.68
C ASP B 73 14.44 16.75 -14.63
N SER B 74 15.46 17.60 -14.62
CA SER B 74 16.58 17.43 -15.52
C SER B 74 17.41 16.25 -15.05
N MET B 75 17.49 16.06 -13.74
CA MET B 75 18.13 14.87 -13.17
C MET B 75 17.47 13.58 -13.64
N LYS B 76 16.15 13.59 -13.66
CA LYS B 76 15.38 12.48 -14.20
C LYS B 76 15.79 12.18 -15.66
N ASN B 77 15.79 13.21 -16.50
CA ASN B 77 16.23 13.06 -17.89
C ASN B 77 17.66 12.50 -17.97
N PHE B 78 18.52 13.01 -17.09
CA PHE B 78 19.92 12.62 -17.01
C PHE B 78 20.02 11.11 -16.80
N ILE B 79 19.31 10.61 -15.80
CA ILE B 79 19.36 9.21 -15.45
C ILE B 79 18.82 8.36 -16.59
N GLN B 80 17.63 8.70 -17.07
CA GLN B 80 16.98 7.93 -18.12
C GLN B 80 17.83 7.90 -19.41
N LYS B 81 18.38 9.03 -19.80
CA LYS B 81 19.25 9.09 -20.97
C LYS B 81 20.53 8.26 -20.79
N HIS B 82 21.10 8.26 -19.60
CA HIS B 82 22.35 7.52 -19.40
C HIS B 82 22.14 6.01 -19.39
N LEU B 83 20.94 5.56 -19.02
CA LEU B 83 20.63 4.14 -19.18
C LEU B 83 20.72 3.72 -20.63
N ALA B 84 20.38 4.64 -21.54
CA ALA B 84 20.48 4.36 -22.97
C ALA B 84 21.91 4.19 -23.43
N SER B 85 22.86 4.94 -22.84
CA SER B 85 24.25 4.88 -23.29
C SER B 85 25.10 3.92 -22.44
N TYR B 86 24.51 3.36 -21.39
CA TYR B 86 25.30 2.54 -20.48
C TYR B 86 25.73 1.26 -21.18
N THR B 87 27.02 0.94 -21.07
CA THR B 87 27.58 -0.20 -21.79
C THR B 87 27.91 -1.29 -20.81
N GLY B 88 27.57 -1.08 -19.53
CA GLY B 88 27.90 -2.06 -18.53
C GLY B 88 26.81 -3.09 -18.28
N THR B 89 26.92 -3.79 -17.14
CA THR B 89 26.19 -5.02 -16.93
C THR B 89 25.62 -5.17 -15.52
N THR B 90 25.73 -4.15 -14.69
CA THR B 90 25.18 -4.24 -13.33
C THR B 90 24.56 -2.92 -12.90
N ILE B 91 23.66 -3.00 -11.94
CA ILE B 91 23.07 -1.80 -11.37
C ILE B 91 24.18 -0.97 -10.69
N GLU B 92 25.11 -1.64 -9.99
CA GLU B 92 26.21 -0.95 -9.30
C GLU B 92 27.04 -0.11 -10.31
N GLY B 93 27.34 -0.68 -11.48
CA GLY B 93 28.11 -0.01 -12.51
C GLY B 93 27.30 1.10 -13.17
N PHE B 94 25.99 0.92 -13.24
CA PHE B 94 25.13 1.96 -13.79
C PHE B 94 25.15 3.17 -12.85
N LEU B 95 25.10 2.93 -11.55
CA LEU B 95 25.14 4.04 -10.63
C LEU B 95 26.47 4.82 -10.73
N GLU B 96 27.58 4.10 -10.87
CA GLU B 96 28.89 4.74 -10.97
C GLU B 96 28.99 5.56 -12.25
N TYR B 97 28.42 5.04 -13.32
CA TYR B 97 28.38 5.73 -14.60
C TYR B 97 27.57 7.03 -14.50
N VAL B 98 26.37 6.95 -13.91
CA VAL B 98 25.55 8.13 -13.68
C VAL B 98 26.24 9.14 -12.77
N ALA B 99 26.84 8.66 -11.67
CA ALA B 99 27.41 9.53 -10.66
C ALA B 99 28.61 10.29 -11.21
N THR B 100 29.46 9.56 -11.90
CA THR B 100 30.66 10.09 -12.53
C THR B 100 30.30 11.12 -13.60
N SER B 101 29.34 10.78 -14.46
CA SER B 101 28.94 11.70 -15.53
C SER B 101 28.34 12.97 -14.94
N PHE B 102 27.53 12.81 -13.91
CA PHE B 102 26.81 13.93 -13.36
C PHE B 102 27.76 14.95 -12.74
N LEU B 103 28.71 14.47 -11.96
CA LEU B 103 29.67 15.34 -11.30
C LEU B 103 30.60 15.97 -12.35
N LYS B 104 30.93 15.22 -13.40
CA LYS B 104 31.71 15.79 -14.50
C LYS B 104 30.94 16.92 -15.19
N LYS B 105 29.63 16.75 -15.33
CA LYS B 105 28.82 17.75 -16.01
C LYS B 105 28.62 19.04 -15.19
N TYR B 106 28.35 18.89 -13.90
CA TYR B 106 27.98 20.01 -13.04
C TYR B 106 29.05 20.22 -11.98
N SER B 107 29.94 21.15 -12.28
CA SER B 107 31.20 21.31 -11.56
C SER B 107 31.01 21.92 -10.18
N HIS B 108 29.87 22.58 -9.96
CA HIS B 108 29.56 23.21 -8.67
C HIS B 108 28.86 22.24 -7.70
N ILE B 109 28.56 21.04 -8.17
CA ILE B 109 28.01 20.00 -7.30
C ILE B 109 29.18 19.25 -6.64
N GLU B 110 29.15 19.16 -5.31
CA GLU B 110 30.26 18.59 -4.58
C GLU B 110 30.03 17.13 -4.18
N LYS B 111 28.76 16.74 -4.02
CA LYS B 111 28.41 15.38 -3.59
C LYS B 111 27.16 14.87 -4.28
N ILE B 112 27.15 13.57 -4.52
CA ILE B 112 25.97 12.89 -5.08
C ILE B 112 25.78 11.52 -4.43
N SER B 113 24.53 11.24 -4.06
CA SER B 113 24.15 9.94 -3.50
C SER B 113 23.12 9.30 -4.43
N LEU B 114 23.31 8.02 -4.75
CA LEU B 114 22.42 7.30 -5.65
C LEU B 114 21.96 5.98 -5.03
N ILE B 115 20.67 5.72 -5.11
CA ILE B 115 20.08 4.43 -4.75
C ILE B 115 19.46 3.89 -6.03
N GLY B 116 19.77 2.64 -6.33
CA GLY B 116 19.12 1.93 -7.42
C GLY B 116 18.48 0.67 -6.90
N GLU B 117 17.22 0.49 -7.27
CA GLU B 117 16.46 -0.69 -6.91
C GLU B 117 16.03 -1.40 -8.18
N GLU B 118 16.47 -2.64 -8.31
CA GLU B 118 16.08 -3.49 -9.44
C GLU B 118 14.57 -3.67 -9.47
N ILE B 119 13.99 -3.48 -10.66
CA ILE B 119 12.64 -4.00 -10.95
C ILE B 119 12.84 -5.42 -11.53
N PRO B 120 12.55 -6.46 -10.74
CA PRO B 120 12.89 -7.79 -11.23
C PRO B 120 11.82 -8.36 -12.18
N PHE B 121 12.28 -9.08 -13.19
CA PHE B 121 11.38 -9.76 -14.12
C PHE B 121 11.76 -11.23 -14.15
N GLU B 122 10.76 -12.07 -14.32
CA GLU B 122 10.95 -13.53 -14.38
C GLU B 122 10.58 -14.10 -15.76
N THR B 123 11.22 -15.20 -16.13
CA THR B 123 10.92 -15.88 -17.38
C THR B 123 9.55 -16.56 -17.34
N THR B 124 8.94 -16.68 -18.50
CA THR B 124 7.65 -17.35 -18.67
C THR B 124 7.83 -18.37 -19.80
N PHE B 125 6.89 -19.31 -19.91
CA PHE B 125 6.99 -20.36 -20.93
C PHE B 125 6.10 -20.02 -22.13
N ALA B 126 6.53 -20.43 -23.32
CA ALA B 126 5.69 -20.33 -24.49
C ALA B 126 5.85 -21.57 -25.35
N VAL B 127 4.78 -21.88 -26.08
CA VAL B 127 4.80 -22.92 -27.10
C VAL B 127 4.97 -22.25 -28.44
N LYS B 128 6.08 -22.55 -29.10
CA LYS B 128 6.34 -21.97 -30.41
C LYS B 128 7.27 -22.89 -31.16
N ASN B 129 7.07 -22.95 -32.48
CA ASN B 129 7.90 -23.77 -33.34
C ASN B 129 7.91 -25.23 -32.89
N GLY B 130 6.88 -25.63 -32.15
CA GLY B 130 6.69 -27.03 -31.82
C GLY B 130 7.03 -27.43 -30.38
N ASN B 131 7.67 -26.54 -29.61
CA ASN B 131 8.09 -26.94 -28.26
C ASN B 131 7.79 -25.88 -27.23
N ARG B 132 7.79 -26.28 -25.97
CA ARG B 132 7.54 -25.34 -24.90
C ARG B 132 8.89 -24.93 -24.34
N ALA B 133 9.16 -23.64 -24.31
CA ALA B 133 10.45 -23.18 -23.83
C ALA B 133 10.35 -21.75 -23.34
N ALA B 134 11.39 -21.32 -22.65
CA ALA B 134 11.42 -19.98 -22.09
C ALA B 134 11.29 -18.95 -23.20
N SER B 135 10.35 -18.02 -23.02
CA SER B 135 10.13 -16.94 -23.99
C SER B 135 11.25 -15.89 -23.96
N GLU B 136 11.65 -15.42 -25.13
CA GLU B 136 12.58 -14.31 -25.23
C GLU B 136 11.86 -12.97 -25.31
N LEU B 137 10.52 -13.00 -25.24
CA LEU B 137 9.71 -11.79 -25.42
C LEU B 137 8.84 -11.43 -24.21
N VAL B 138 8.24 -12.42 -23.56
CA VAL B 138 7.27 -12.17 -22.49
C VAL B 138 7.89 -12.42 -21.14
N PHE B 139 7.72 -11.45 -20.26
CA PHE B 139 8.31 -11.55 -18.94
C PHE B 139 7.27 -11.21 -17.88
N LYS B 140 7.45 -11.78 -16.71
CA LYS B 140 6.56 -11.55 -15.59
C LYS B 140 7.23 -10.56 -14.64
N LYS B 141 6.58 -9.43 -14.40
CA LYS B 141 7.10 -8.48 -13.44
C LYS B 141 6.89 -9.04 -12.02
N SER B 142 7.96 -9.07 -11.23
CA SER B 142 7.92 -9.66 -9.91
C SER B 142 7.90 -8.61 -8.80
N ARG B 143 7.07 -8.87 -7.80
CA ARG B 143 6.98 -8.02 -6.61
C ARG B 143 7.69 -8.68 -5.43
N ASN B 144 8.54 -9.66 -5.71
CA ASN B 144 9.25 -10.35 -4.65
C ASN B 144 10.61 -9.73 -4.44
N GLU B 145 11.61 -10.52 -4.06
CA GLU B 145 12.89 -9.95 -3.68
C GLU B 145 13.55 -9.28 -4.88
N TYR B 146 14.35 -8.26 -4.60
CA TYR B 146 14.99 -7.51 -5.66
C TYR B 146 16.37 -7.00 -5.22
N ALA B 147 17.29 -6.90 -6.19
CA ALA B 147 18.63 -6.39 -5.92
C ALA B 147 18.62 -4.89 -5.69
N THR B 148 19.58 -4.44 -4.90
CA THR B 148 19.76 -3.02 -4.67
C THR B 148 21.22 -2.60 -4.81
N ALA B 149 21.41 -1.31 -5.03
CA ALA B 149 22.74 -0.71 -5.06
C ALA B 149 22.65 0.69 -4.46
N TYR B 150 23.75 1.11 -3.88
CA TYR B 150 23.90 2.39 -3.23
C TYR B 150 25.31 2.89 -3.54
N LEU B 151 25.42 4.19 -3.82
CA LEU B 151 26.70 4.81 -4.13
C LEU B 151 26.73 6.28 -3.75
N ASN B 152 27.80 6.68 -3.05
CA ASN B 152 28.08 8.08 -2.73
C ASN B 152 29.42 8.45 -3.33
N MET B 153 29.45 9.59 -4.02
CA MET B 153 30.66 10.07 -4.67
C MET B 153 30.80 11.55 -4.42
N VAL B 154 32.04 12.01 -4.28
CA VAL B 154 32.34 13.41 -4.09
C VAL B 154 33.31 13.90 -5.15
N ARG B 155 33.27 15.20 -5.40
CA ARG B 155 34.25 15.89 -6.21
C ARG B 155 35.24 16.58 -5.29
N ASN B 156 36.51 16.29 -5.49
CA ASN B 156 37.56 16.91 -4.71
C ASN B 156 37.98 18.24 -5.38
N GLU B 157 38.79 19.02 -4.65
CA GLU B 157 39.20 20.36 -5.08
C GLU B 157 39.99 20.39 -6.39
N ASP B 158 40.73 19.32 -6.66
CA ASP B 158 41.49 19.21 -7.89
C ASP B 158 40.64 18.62 -9.00
N ASN B 159 39.33 18.57 -8.79
CA ASN B 159 38.38 18.15 -9.81
C ASN B 159 38.36 16.64 -10.01
N THR B 160 39.02 15.89 -9.13
CA THR B 160 38.93 14.43 -9.17
C THR B 160 37.71 13.96 -8.40
N LEU B 161 37.29 12.75 -8.71
CA LEU B 161 36.11 12.14 -8.12
C LEU B 161 36.51 10.94 -7.30
N ASN B 162 35.84 10.75 -6.17
CA ASN B 162 36.07 9.58 -5.33
C ASN B 162 34.75 9.04 -4.85
N ILE B 163 34.70 7.72 -4.79
CA ILE B 163 33.62 7.02 -4.14
C ILE B 163 33.85 7.05 -2.64
N THR B 164 32.81 7.37 -1.89
CA THR B 164 32.96 7.51 -0.44
C THR B 164 32.14 6.49 0.33
N GLU B 165 31.23 5.82 -0.39
CA GLU B 165 30.50 4.67 0.12
C GLU B 165 29.87 3.91 -1.05
N GLN B 166 29.90 2.59 -0.97
CA GLN B 166 29.28 1.70 -1.95
C GLN B 166 28.65 0.57 -1.17
N GLN B 167 27.40 0.25 -1.48
CA GLN B 167 26.77 -0.90 -0.86
C GLN B 167 25.84 -1.59 -1.84
N SER B 168 25.90 -2.90 -1.86
CA SER B 168 24.98 -3.70 -2.67
C SER B 168 24.03 -4.45 -1.74
N GLY B 169 22.93 -4.92 -2.30
CA GLY B 169 21.97 -5.64 -1.49
C GLY B 169 20.93 -6.48 -2.20
N LEU B 170 20.21 -7.22 -1.35
CA LEU B 170 19.02 -7.97 -1.70
C LEU B 170 17.94 -7.55 -0.72
N ALA B 171 16.82 -7.03 -1.22
CA ALA B 171 15.73 -6.53 -0.40
C ALA B 171 14.47 -7.38 -0.57
N GLY B 172 13.71 -7.52 0.51
CA GLY B 172 12.38 -8.09 0.50
C GLY B 172 12.30 -9.59 0.27
N LEU B 173 13.19 -10.36 0.89
CA LEU B 173 13.14 -11.80 0.76
C LEU B 173 12.31 -12.34 1.93
N GLN B 174 11.20 -13.00 1.59
CA GLN B 174 10.27 -13.50 2.59
C GLN B 174 10.37 -15.00 2.62
N LEU B 175 11.00 -15.51 3.67
CA LEU B 175 11.22 -16.94 3.85
C LEU B 175 10.52 -17.51 5.09
N ILE B 176 9.85 -18.64 4.90
CA ILE B 176 9.26 -19.40 6.00
C ILE B 176 9.83 -20.83 6.03
N LYS B 177 10.34 -21.21 7.19
CA LYS B 177 10.80 -22.57 7.43
C LYS B 177 9.82 -23.25 8.38
N VAL B 178 9.20 -24.33 7.92
CA VAL B 178 8.02 -24.85 8.57
C VAL B 178 8.35 -25.54 9.88
N SER B 179 9.55 -26.10 10.00
CA SER B 179 9.97 -26.72 11.25
C SER B 179 11.49 -26.66 11.40
N GLY B 180 12.00 -27.19 12.51
CA GLY B 180 13.41 -27.13 12.77
C GLY B 180 13.86 -25.73 13.19
N ASN B 181 13.07 -25.09 14.04
CA ASN B 181 13.38 -23.78 14.60
C ASN B 181 12.91 -23.76 16.04
N SER B 182 13.70 -23.19 16.94
CA SER B 182 13.27 -23.05 18.33
C SER B 182 13.51 -21.63 18.82
N PHE B 183 12.80 -21.24 19.88
CA PHE B 183 13.12 -20.02 20.60
C PHE B 183 12.80 -20.27 22.06
N VAL B 184 13.84 -20.65 22.77
CA VAL B 184 13.74 -21.00 24.17
C VAL B 184 14.85 -20.32 24.93
N GLY B 185 14.64 -20.18 26.24
CA GLY B 185 15.70 -19.77 27.13
C GLY B 185 15.92 -18.27 27.22
N PHE B 186 14.99 -17.53 26.66
CA PHE B 186 15.05 -16.07 26.70
C PHE B 186 14.59 -15.60 28.09
N ILE B 187 14.81 -14.33 28.37
CA ILE B 187 14.44 -13.78 29.66
C ILE B 187 12.93 -13.86 29.90
N ARG B 188 12.55 -14.42 31.04
CA ARG B 188 11.15 -14.59 31.44
C ARG B 188 10.88 -13.82 32.73
N ASP B 189 10.29 -12.63 32.66
CA ASP B 189 10.12 -11.84 33.87
C ASP B 189 8.72 -11.27 33.88
N GLU B 190 8.47 -10.19 34.63
CA GLU B 190 7.10 -9.68 34.77
C GLU B 190 6.53 -9.12 33.46
N TYR B 191 7.37 -8.99 32.42
CA TYR B 191 6.89 -8.49 31.13
C TYR B 191 6.68 -9.58 30.09
N THR B 192 6.89 -10.84 30.48
CA THR B 192 6.96 -11.91 29.49
C THR B 192 5.70 -12.76 29.47
N THR B 193 5.03 -12.75 28.31
CA THR B 193 3.86 -13.58 28.08
C THR B 193 4.08 -14.52 26.89
N LEU B 194 5.24 -14.45 26.28
CA LEU B 194 5.58 -15.37 25.20
C LEU B 194 5.97 -16.77 25.72
N PRO B 195 5.28 -17.81 25.23
CA PRO B 195 5.72 -19.14 25.70
C PRO B 195 7.01 -19.53 25.00
N GLU B 196 7.81 -20.34 25.67
CA GLU B 196 8.93 -20.98 25.00
C GLU B 196 8.41 -21.92 23.94
N ASP B 197 9.14 -22.05 22.84
CA ASP B 197 8.68 -22.87 21.71
C ASP B 197 9.84 -23.65 21.14
N SER B 198 9.80 -24.97 21.28
CA SER B 198 10.90 -25.80 20.79
C SER B 198 10.77 -26.09 19.31
N ASN B 199 9.65 -25.71 18.71
CA ASN B 199 9.45 -26.01 17.30
C ASN B 199 8.43 -25.08 16.63
N ARG B 200 8.93 -23.99 16.06
CA ARG B 200 8.11 -22.98 15.41
C ARG B 200 8.41 -22.89 13.94
N PRO B 201 7.43 -22.46 13.12
CA PRO B 201 7.57 -22.19 11.69
C PRO B 201 8.08 -20.78 11.38
N LEU B 202 9.35 -20.57 11.62
CA LEU B 202 9.93 -19.24 11.58
C LEU B 202 9.80 -18.56 10.19
N PHE B 203 9.27 -17.35 10.22
CA PHE B 203 9.02 -16.51 9.06
C PHE B 203 9.87 -15.27 9.22
N VAL B 204 10.81 -15.08 8.31
CA VAL B 204 11.70 -13.90 8.35
C VAL B 204 11.58 -13.11 7.08
N TYR B 205 11.52 -11.80 7.25
CA TYR B 205 11.58 -10.85 6.16
C TYR B 205 13.01 -10.32 6.13
N LEU B 206 13.74 -10.56 5.03
CA LEU B 206 15.18 -10.28 5.03
C LEU B 206 15.58 -9.20 4.03
N ASN B 207 16.39 -8.27 4.52
CA ASN B 207 17.14 -7.35 3.70
C ASN B 207 18.59 -7.61 4.01
N ILE B 208 19.38 -7.91 2.99
CA ILE B 208 20.80 -8.24 3.18
C ILE B 208 21.66 -7.31 2.35
N LYS B 209 22.61 -6.63 2.98
CA LYS B 209 23.46 -5.68 2.28
C LYS B 209 24.95 -5.99 2.46
N TRP B 210 25.71 -5.99 1.39
CA TRP B 210 27.13 -6.28 1.51
C TRP B 210 28.01 -5.17 0.99
N LYS B 211 29.22 -5.14 1.53
CA LYS B 211 30.26 -4.25 1.07
C LYS B 211 31.50 -5.01 0.68
N TYR B 212 32.12 -4.52 -0.37
CA TYR B 212 33.34 -5.10 -0.93
C TYR B 212 34.59 -4.49 -0.29
N LYS B 213 35.64 -5.28 -0.19
CA LYS B 213 36.94 -4.78 0.23
C LYS B 213 37.48 -3.75 -0.77
N ASN B 214 37.34 -4.02 -2.07
CA ASN B 214 37.67 -3.05 -3.12
C ASN B 214 36.42 -2.75 -3.93
N THR B 215 36.02 -1.49 -3.94
CA THR B 215 34.76 -1.07 -4.53
C THR B 215 34.63 -1.41 -6.02
N GLU B 216 35.76 -1.56 -6.70
CA GLU B 216 35.78 -1.83 -8.12
C GLU B 216 35.14 -3.19 -8.42
N ASP B 217 35.21 -4.11 -7.46
CA ASP B 217 34.64 -5.43 -7.68
C ASP B 217 33.14 -5.37 -7.81
N SER B 218 32.53 -4.25 -7.41
CA SER B 218 31.08 -4.13 -7.42
C SER B 218 30.53 -3.87 -8.83
N PHE B 219 31.38 -3.42 -9.73
CA PHE B 219 30.92 -2.88 -11.00
C PHE B 219 30.59 -3.90 -12.09
N GLY B 220 31.17 -5.10 -12.00
CA GLY B 220 30.92 -6.10 -13.01
C GLY B 220 31.96 -6.13 -14.11
N THR B 221 32.86 -5.15 -14.13
CA THR B 221 33.89 -5.06 -15.16
C THR B 221 34.75 -6.32 -15.22
N ASN B 222 35.17 -6.81 -14.06
CA ASN B 222 35.71 -8.16 -13.92
C ASN B 222 34.65 -9.01 -13.21
N PRO B 223 33.75 -9.64 -13.98
CA PRO B 223 32.58 -10.32 -13.37
C PRO B 223 32.92 -11.40 -12.38
N GLU B 224 34.10 -12.00 -12.48
CA GLU B 224 34.49 -13.07 -11.57
C GLU B 224 34.52 -12.59 -10.12
N ASN B 225 34.58 -11.26 -9.93
CA ASN B 225 34.65 -10.68 -8.58
C ASN B 225 33.32 -10.13 -8.11
N TYR B 226 32.33 -10.18 -9.00
CA TYR B 226 31.03 -9.63 -8.70
C TYR B 226 30.18 -10.61 -7.86
N VAL B 227 29.54 -10.10 -6.81
CA VAL B 227 28.63 -10.89 -5.99
C VAL B 227 27.20 -10.59 -6.40
N ALA B 228 26.53 -11.57 -6.99
CA ALA B 228 25.18 -11.38 -7.46
C ALA B 228 24.16 -11.53 -6.33
N ALA B 229 23.18 -10.65 -6.28
CA ALA B 229 22.11 -10.79 -5.29
C ALA B 229 21.39 -12.16 -5.34
N GLU B 230 21.33 -12.77 -6.53
CA GLU B 230 20.69 -14.08 -6.68
C GLU B 230 21.44 -15.14 -5.91
N GLN B 231 22.75 -15.02 -5.89
CA GLN B 231 23.55 -15.95 -5.13
C GLN B 231 23.40 -15.79 -3.60
N ILE B 232 23.27 -14.54 -3.16
CA ILE B 232 23.09 -14.23 -1.75
C ILE B 232 21.76 -14.83 -1.28
N ARG B 233 20.74 -14.67 -2.11
CA ARG B 233 19.42 -15.29 -1.93
C ARG B 233 19.51 -16.77 -1.63
N ASP B 234 20.25 -17.48 -2.47
CA ASP B 234 20.33 -18.92 -2.37
C ASP B 234 21.15 -19.39 -1.19
N ILE B 235 22.14 -18.57 -0.77
CA ILE B 235 22.88 -18.80 0.46
C ILE B 235 21.93 -18.70 1.65
N ALA B 236 21.15 -17.64 1.70
CA ALA B 236 20.16 -17.45 2.75
C ALA B 236 19.19 -18.64 2.87
N THR B 237 18.62 -19.10 1.76
CA THR B 237 17.68 -20.22 1.81
C THR B 237 18.41 -21.48 2.22
N SER B 238 19.65 -21.63 1.74
CA SER B 238 20.39 -22.84 2.03
C SER B 238 20.74 -22.91 3.53
N VAL B 239 21.24 -21.82 4.09
CA VAL B 239 21.62 -21.81 5.50
C VAL B 239 20.39 -21.96 6.43
N PHE B 240 19.28 -21.36 6.03
CA PHE B 240 18.07 -21.41 6.82
C PHE B 240 17.64 -22.87 6.89
N HIS B 241 17.72 -23.56 5.76
CA HIS B 241 17.41 -24.97 5.70
C HIS B 241 18.35 -25.82 6.55
N GLU B 242 19.65 -25.65 6.35
CA GLU B 242 20.70 -26.40 7.05
C GLU B 242 20.68 -26.24 8.57
N THR B 243 20.09 -25.16 9.06
CA THR B 243 20.28 -24.76 10.44
C THR B 243 19.08 -25.00 11.34
N GLU B 244 19.31 -25.70 12.45
CA GLU B 244 18.32 -25.81 13.52
C GLU B 244 18.39 -24.49 14.25
N THR B 245 17.56 -23.52 13.86
CA THR B 245 17.74 -22.16 14.33
C THR B 245 17.36 -22.06 15.79
N LEU B 246 18.07 -21.19 16.50
CA LEU B 246 17.87 -20.96 17.94
C LEU B 246 17.27 -19.57 18.19
N SER B 247 17.20 -18.77 17.14
CA SER B 247 16.61 -17.44 17.11
C SER B 247 16.85 -16.91 15.73
N ILE B 248 16.24 -15.77 15.38
CA ILE B 248 16.63 -15.08 14.15
C ILE B 248 18.07 -14.54 14.27
N GLN B 249 18.44 -14.05 15.46
CA GLN B 249 19.79 -13.61 15.70
C GLN B 249 20.83 -14.66 15.30
N HIS B 250 20.65 -15.86 15.83
CA HIS B 250 21.45 -17.03 15.51
C HIS B 250 21.52 -17.32 14.00
N LEU B 251 20.37 -17.30 13.37
CA LEU B 251 20.24 -17.56 11.92
C LEU B 251 21.03 -16.57 11.09
N ILE B 252 20.83 -15.28 11.32
CA ILE B 252 21.44 -14.31 10.43
C ILE B 252 22.98 -14.26 10.62
N TYR B 253 23.46 -14.55 11.83
CA TYR B 253 24.90 -14.66 12.02
C TYR B 253 25.46 -15.77 11.11
N LEU B 254 24.78 -16.91 11.04
CA LEU B 254 25.28 -18.03 10.25
C LEU B 254 25.13 -17.78 8.75
N ILE B 255 24.13 -17.00 8.34
CA ILE B 255 24.00 -16.65 6.93
C ILE B 255 25.20 -15.77 6.52
N GLY B 256 25.43 -14.73 7.32
CA GLY B 256 26.58 -13.84 7.16
C GLY B 256 27.91 -14.57 7.13
N ARG B 257 28.10 -15.54 8.02
CA ARG B 257 29.33 -16.31 8.00
C ARG B 257 29.50 -17.03 6.66
N ARG B 258 28.43 -17.64 6.15
CA ARG B 258 28.51 -18.36 4.89
C ARG B 258 28.80 -17.39 3.75
N ILE B 259 28.14 -16.23 3.77
CA ILE B 259 28.40 -15.25 2.72
C ILE B 259 29.87 -14.86 2.70
N LEU B 260 30.43 -14.52 3.85
CA LEU B 260 31.80 -14.07 3.91
C LEU B 260 32.80 -15.18 3.58
N GLU B 261 32.39 -16.41 3.83
CA GLU B 261 33.25 -17.55 3.57
C GLU B 261 33.26 -17.87 2.07
N ARG B 262 32.10 -17.73 1.43
CA ARG B 262 31.97 -17.99 0.00
C ARG B 262 32.59 -16.88 -0.83
N PHE B 263 32.50 -15.67 -0.30
CA PHE B 263 32.90 -14.46 -1.01
C PHE B 263 33.97 -13.66 -0.25
N PRO B 264 35.23 -14.09 -0.36
CA PRO B 264 36.31 -13.46 0.39
C PRO B 264 36.62 -12.02 -0.09
N GLN B 265 36.10 -11.63 -1.25
CA GLN B 265 36.24 -10.24 -1.68
C GLN B 265 35.29 -9.31 -0.94
N LEU B 266 34.42 -9.86 -0.11
CA LEU B 266 33.51 -9.02 0.67
C LEU B 266 34.13 -8.67 2.00
N GLN B 267 33.93 -7.42 2.43
CA GLN B 267 34.43 -6.97 3.72
C GLN B 267 33.45 -7.30 4.85
N GLU B 268 32.17 -7.05 4.61
CA GLU B 268 31.17 -7.20 5.65
C GLU B 268 29.80 -7.42 5.04
N VAL B 269 28.88 -7.93 5.84
CA VAL B 269 27.49 -8.13 5.41
C VAL B 269 26.59 -7.68 6.54
N TYR B 270 25.60 -6.88 6.20
CA TYR B 270 24.67 -6.32 7.14
C TYR B 270 23.28 -6.93 6.92
N PHE B 271 22.60 -7.22 8.02
CA PHE B 271 21.24 -7.75 8.00
C PHE B 271 20.25 -6.82 8.67
N GLU B 272 19.13 -6.57 8.00
CA GLU B 272 17.94 -6.05 8.65
C GLU B 272 16.83 -7.08 8.45
N SER B 273 16.47 -7.78 9.53
CA SER B 273 15.49 -8.87 9.46
C SER B 273 14.28 -8.49 10.26
N GLN B 274 13.12 -9.02 9.88
CA GLN B 274 11.90 -8.90 10.66
C GLN B 274 11.28 -10.29 10.85
N ASN B 275 10.70 -10.50 12.02
CA ASN B 275 9.96 -11.71 12.38
C ASN B 275 8.50 -11.56 12.08
N HIS B 276 7.96 -12.45 11.23
CA HIS B 276 6.51 -12.42 10.93
C HIS B 276 5.90 -13.79 11.15
N THR B 277 6.48 -14.52 12.09
CA THR B 277 6.06 -15.87 12.38
C THR B 277 4.59 -15.96 12.78
N TRP B 278 3.92 -16.90 12.13
CA TRP B 278 2.49 -17.12 12.33
C TRP B 278 2.19 -17.63 13.73
N ASP B 279 0.96 -17.39 14.22
CA ASP B 279 0.50 -17.92 15.51
C ASP B 279 -0.17 -19.26 15.30
N LYS B 280 0.11 -20.20 16.20
CA LYS B 280 -0.46 -21.55 16.07
C LYS B 280 -1.93 -21.56 16.54
N ILE B 281 -2.79 -22.18 15.72
CA ILE B 281 -4.23 -22.30 16.03
C ILE B 281 -4.62 -23.75 16.36
N VAL B 282 -4.02 -24.71 15.65
CA VAL B 282 -4.31 -26.12 15.81
C VAL B 282 -3.01 -26.91 15.85
N GLU B 283 -2.82 -27.71 16.91
CA GLU B 283 -1.55 -28.38 17.17
C GLU B 283 -1.51 -29.83 16.69
N GLU B 284 -2.66 -30.47 16.60
CA GLU B 284 -2.75 -31.87 16.21
C GLU B 284 -3.90 -32.11 15.24
N ILE B 285 -3.61 -32.76 14.12
CA ILE B 285 -4.63 -33.10 13.13
C ILE B 285 -4.81 -34.61 13.07
N GLY B 290 0.92 -32.22 10.10
CA GLY B 290 0.14 -31.05 9.72
C GLY B 290 -0.50 -30.30 10.88
N LYS B 291 -0.53 -28.98 10.75
CA LYS B 291 -1.05 -28.07 11.79
C LYS B 291 -1.65 -26.86 11.09
N VAL B 292 -2.39 -26.02 11.82
CA VAL B 292 -2.89 -24.75 11.29
C VAL B 292 -2.43 -23.50 12.05
N TYR B 293 -2.01 -22.49 11.29
CA TYR B 293 -1.51 -21.21 11.81
C TYR B 293 -2.27 -20.02 11.21
N THR B 294 -2.13 -18.86 11.79
CA THR B 294 -2.70 -17.66 11.19
C THR B 294 -1.77 -16.45 11.33
N GLU B 295 -2.13 -15.35 10.70
CA GLU B 295 -1.33 -14.14 10.72
C GLU B 295 -1.25 -13.56 12.13
N PRO B 296 -0.05 -13.15 12.57
CA PRO B 296 0.00 -12.50 13.88
C PRO B 296 -0.53 -11.08 13.83
N CYS B 297 -0.61 -10.47 15.01
CA CYS B 297 -0.99 -9.08 15.15
C CYS B 297 0.16 -8.20 14.67
N PRO B 298 -0.06 -6.88 14.57
CA PRO B 298 0.86 -6.03 13.81
C PRO B 298 2.27 -5.87 14.36
N PRO B 299 2.48 -5.98 15.67
CA PRO B 299 3.88 -5.71 16.07
C PRO B 299 4.86 -6.77 15.51
N TYR B 300 6.00 -6.31 15.03
CA TYR B 300 7.02 -7.20 14.47
C TYR B 300 8.38 -7.00 15.14
N GLY B 301 9.04 -8.10 15.43
CA GLY B 301 10.39 -8.06 15.94
C GLY B 301 11.28 -7.76 14.77
N PHE B 302 12.45 -7.20 15.05
CA PHE B 302 13.46 -6.99 14.04
C PHE B 302 14.87 -7.07 14.63
N GLN B 303 15.83 -7.36 13.76
CA GLN B 303 17.22 -7.44 14.15
C GLN B 303 18.08 -6.71 13.12
N CYS B 304 19.04 -5.94 13.64
CA CYS B 304 20.01 -5.24 12.82
C CYS B 304 21.41 -5.70 13.22
N PHE B 305 22.11 -6.34 12.31
CA PHE B 305 23.36 -6.98 12.63
C PHE B 305 24.35 -7.03 11.45
N THR B 306 25.60 -6.68 11.73
CA THR B 306 26.68 -6.76 10.75
C THR B 306 27.62 -7.91 11.11
N VAL B 307 27.89 -8.79 10.13
CA VAL B 307 28.93 -9.80 10.26
C VAL B 307 30.16 -9.30 9.51
N THR B 308 31.34 -9.47 10.12
CA THR B 308 32.55 -8.87 9.61
C THR B 308 33.67 -9.87 9.51
N GLN B 309 34.79 -9.38 9.03
CA GLN B 309 36.00 -10.19 8.87
C GLN B 309 36.46 -10.83 10.16
N GLU B 310 36.33 -10.09 11.25
CA GLU B 310 36.79 -10.58 12.55
C GLU B 310 35.95 -11.77 13.02
N ASP B 311 34.77 -11.95 12.43
CA ASP B 311 33.97 -13.09 12.82
C ASP B 311 34.40 -14.37 12.14
N LEU B 312 35.39 -14.29 11.26
CA LEU B 312 35.86 -15.45 10.51
C LEU B 312 37.16 -15.98 11.12
N PRO B 313 37.34 -17.31 11.10
CA PRO B 313 38.57 -17.93 11.62
N VAL C 7 -30.53 -5.27 0.86
CA VAL C 7 -29.24 -5.87 1.19
C VAL C 7 -29.07 -6.06 2.69
N MET C 8 -28.70 -7.26 3.09
CA MET C 8 -28.45 -7.57 4.50
C MET C 8 -27.49 -8.76 4.58
N TYR C 9 -26.24 -8.44 4.90
CA TYR C 9 -25.18 -9.45 5.00
C TYR C 9 -24.20 -8.97 6.08
N TYR C 10 -23.42 -9.89 6.64
CA TYR C 10 -22.36 -9.51 7.57
C TYR C 10 -21.38 -10.66 7.58
N GLY C 11 -20.14 -10.38 7.96
CA GLY C 11 -19.17 -11.46 7.98
C GLY C 11 -17.78 -10.98 8.38
N LYS C 12 -16.77 -11.71 7.94
CA LYS C 12 -15.39 -11.51 8.36
C LYS C 12 -14.48 -11.55 7.14
N GLY C 13 -13.60 -10.55 7.01
CA GLY C 13 -12.59 -10.60 5.97
C GLY C 13 -11.19 -10.83 6.53
N ASP C 14 -10.23 -11.04 5.65
CA ASP C 14 -8.83 -11.22 6.03
C ASP C 14 -8.68 -12.30 7.11
N VAL C 15 -9.41 -13.39 6.95
CA VAL C 15 -9.18 -14.57 7.76
C VAL C 15 -8.07 -15.40 7.11
N PHE C 16 -6.86 -15.24 7.60
CA PHE C 16 -5.73 -16.03 7.13
C PHE C 16 -5.62 -17.37 7.84
N ALA C 17 -5.32 -18.41 7.06
CA ALA C 17 -5.13 -19.73 7.62
C ALA C 17 -4.04 -20.45 6.84
N TYR C 18 -3.06 -20.96 7.56
CA TYR C 18 -1.96 -21.69 6.94
C TYR C 18 -1.96 -23.11 7.44
N ARG C 19 -1.88 -24.05 6.52
CA ARG C 19 -1.94 -25.46 6.83
C ARG C 19 -0.70 -26.13 6.26
N THR C 20 -0.06 -26.97 7.05
CA THR C 20 1.04 -27.78 6.57
C THR C 20 0.54 -29.18 6.27
N TYR C 21 1.16 -29.78 5.25
CA TYR C 21 0.87 -31.14 4.81
C TYR C 21 -0.61 -31.39 4.56
N LEU C 22 -1.17 -30.61 3.65
CA LEU C 22 -2.48 -30.90 3.12
C LEU C 22 -2.29 -32.04 2.15
N LYS C 23 -3.35 -32.82 1.89
CA LYS C 23 -3.27 -33.89 0.92
C LYS C 23 -2.80 -33.28 -0.40
N PRO C 24 -1.82 -33.91 -1.07
CA PRO C 24 -1.33 -33.29 -2.32
C PRO C 24 -2.37 -33.32 -3.42
N LEU C 25 -2.26 -32.35 -4.32
CA LEU C 25 -3.00 -32.34 -5.56
C LEU C 25 -2.19 -33.03 -6.65
N THR C 26 -2.67 -34.17 -7.12
CA THR C 26 -2.02 -34.89 -8.20
C THR C 26 -3.08 -35.48 -9.11
N GLY C 27 -2.69 -36.19 -10.17
CA GLY C 27 -3.64 -36.80 -11.08
C GLY C 27 -4.39 -35.80 -11.96
N VAL C 28 -3.87 -34.58 -12.07
CA VAL C 28 -4.47 -33.62 -12.98
C VAL C 28 -4.09 -33.97 -14.42
N ARG C 29 -4.83 -33.39 -15.36
CA ARG C 29 -4.58 -33.59 -16.77
C ARG C 29 -3.70 -32.46 -17.30
N THR C 30 -2.67 -32.79 -18.07
CA THR C 30 -1.74 -31.78 -18.54
C THR C 30 -2.19 -31.12 -19.83
N ILE C 31 -1.60 -29.97 -20.11
CA ILE C 31 -1.78 -29.29 -21.39
C ILE C 31 -0.41 -28.89 -21.94
N PRO C 32 -0.37 -28.64 -23.26
CA PRO C 32 0.93 -28.35 -23.89
C PRO C 32 1.59 -27.08 -23.37
N GLU C 33 0.79 -26.08 -23.03
CA GLU C 33 1.31 -24.77 -22.64
C GLU C 33 1.95 -24.79 -21.25
N SER C 34 1.73 -25.85 -20.48
CA SER C 34 2.10 -25.83 -19.08
C SER C 34 2.74 -27.10 -18.54
N PRO C 35 3.89 -26.97 -17.84
CA PRO C 35 4.48 -28.13 -17.16
C PRO C 35 3.81 -28.50 -15.84
N PHE C 36 2.79 -27.76 -15.41
CA PHE C 36 2.16 -28.00 -14.11
C PHE C 36 1.75 -29.47 -13.93
N SER C 37 2.18 -30.09 -12.83
CA SER C 37 1.82 -31.48 -12.62
C SER C 37 1.18 -31.72 -11.26
N GLY C 38 0.90 -30.66 -10.51
CA GLY C 38 0.24 -30.80 -9.21
C GLY C 38 0.88 -29.96 -8.11
N ARG C 39 0.45 -30.17 -6.87
CA ARG C 39 0.91 -29.36 -5.74
C ARG C 39 1.20 -30.28 -4.61
N ASP C 40 2.37 -30.14 -3.99
CA ASP C 40 2.73 -31.09 -2.94
C ASP C 40 2.10 -30.68 -1.61
N HIS C 41 1.68 -29.42 -1.49
CA HIS C 41 0.96 -28.94 -0.32
C HIS C 41 1.66 -29.17 1.04
N ILE C 42 2.98 -29.14 1.05
CA ILE C 42 3.72 -29.07 2.30
C ILE C 42 3.25 -27.84 3.05
N LEU C 43 3.00 -26.79 2.31
CA LEU C 43 2.50 -25.56 2.87
C LEU C 43 1.34 -25.03 2.02
N PHE C 44 0.20 -24.75 2.66
CA PHE C 44 -1.02 -24.33 1.96
C PHE C 44 -1.57 -23.12 2.71
N GLY C 45 -1.81 -22.04 2.00
CA GLY C 45 -2.20 -20.81 2.66
C GLY C 45 -3.37 -20.18 1.95
N VAL C 46 -4.32 -19.68 2.72
CA VAL C 46 -5.49 -19.08 2.11
C VAL C 46 -5.94 -17.89 2.96
N ASN C 47 -6.39 -16.86 2.27
CA ASN C 47 -7.05 -15.72 2.88
C ASN C 47 -8.52 -15.79 2.51
N VAL C 48 -9.38 -15.88 3.51
CA VAL C 48 -10.82 -16.12 3.28
C VAL C 48 -11.67 -14.93 3.74
N LYS C 49 -12.63 -14.56 2.90
CA LYS C 49 -13.70 -13.65 3.29
C LYS C 49 -15.04 -14.42 3.29
N ILE C 50 -15.77 -14.32 4.39
CA ILE C 50 -17.06 -14.97 4.55
C ILE C 50 -18.15 -13.93 4.79
N SER C 51 -19.26 -14.11 4.10
CA SER C 51 -20.43 -13.26 4.23
C SER C 51 -21.65 -14.17 4.38
N VAL C 52 -22.54 -13.83 5.30
CA VAL C 52 -23.74 -14.65 5.49
C VAL C 52 -25.00 -13.81 5.50
N GLY C 53 -26.09 -14.40 5.05
CA GLY C 53 -27.37 -13.72 5.08
C GLY C 53 -28.50 -14.60 5.55
N GLY C 54 -29.65 -13.96 5.78
CA GLY C 54 -30.85 -14.65 6.20
C GLY C 54 -31.83 -13.67 6.80
N THR C 55 -33.09 -13.79 6.42
CA THR C 55 -34.13 -12.88 6.90
C THR C 55 -34.19 -12.79 8.43
N LYS C 56 -33.90 -13.90 9.10
CA LYS C 56 -33.98 -13.94 10.56
C LYS C 56 -32.90 -13.09 11.24
N LEU C 57 -32.01 -12.50 10.46
CA LEU C 57 -30.98 -11.61 10.99
C LEU C 57 -31.47 -10.17 11.07
N LEU C 58 -32.72 -9.94 10.67
CA LEU C 58 -33.21 -8.59 10.56
C LEU C 58 -33.16 -7.86 11.90
N THR C 59 -33.63 -8.52 12.95
CA THR C 59 -33.73 -7.86 14.24
C THR C 59 -32.36 -7.56 14.86
N SER C 60 -31.29 -8.22 14.41
CA SER C 60 -29.97 -7.82 14.87
C SER C 60 -29.70 -6.36 14.45
N PHE C 61 -30.24 -5.96 13.30
CA PHE C 61 -30.15 -4.56 12.84
C PHE C 61 -31.24 -3.66 13.45
N THR C 62 -32.50 -4.08 13.33
CA THR C 62 -33.60 -3.18 13.66
C THR C 62 -33.83 -3.03 15.17
N LYS C 63 -33.45 -4.02 15.96
CA LYS C 63 -33.72 -3.99 17.41
C LYS C 63 -32.48 -4.11 18.28
N GLY C 64 -31.34 -4.44 17.72
CA GLY C 64 -30.15 -4.62 18.52
C GLY C 64 -30.17 -5.94 19.30
N ASP C 65 -30.97 -6.88 18.81
CA ASP C 65 -31.07 -8.22 19.38
C ASP C 65 -30.03 -9.14 18.74
N ASN C 66 -29.11 -9.65 19.57
CA ASN C 66 -28.00 -10.45 19.05
C ASN C 66 -28.25 -11.93 19.23
N SER C 67 -29.46 -12.32 19.61
CA SER C 67 -29.68 -13.74 19.92
C SER C 67 -29.42 -14.70 18.70
N LEU C 68 -29.60 -14.24 17.46
CA LEU C 68 -29.32 -15.09 16.30
C LEU C 68 -28.05 -14.72 15.57
N VAL C 69 -27.21 -13.91 16.20
CA VAL C 69 -25.96 -13.47 15.59
C VAL C 69 -24.82 -14.43 15.92
N VAL C 70 -24.25 -15.00 14.86
CA VAL C 70 -22.98 -15.71 14.94
C VAL C 70 -21.94 -14.62 14.94
N ALA C 71 -21.11 -14.55 15.99
CA ALA C 71 -20.07 -13.54 16.04
C ALA C 71 -19.12 -13.78 14.86
N THR C 72 -18.73 -12.72 14.20
CA THR C 72 -17.79 -12.84 13.09
C THR C 72 -16.46 -13.41 13.58
N ASP C 73 -16.08 -13.11 14.83
CA ASP C 73 -14.94 -13.77 15.46
C ASP C 73 -15.13 -15.30 15.46
N SER C 74 -16.36 -15.77 15.69
CA SER C 74 -16.64 -17.20 15.61
C SER C 74 -16.49 -17.72 14.18
N MET C 75 -16.88 -16.92 13.19
CA MET C 75 -16.74 -17.31 11.78
C MET C 75 -15.27 -17.57 11.43
N LYS C 76 -14.42 -16.67 11.88
CA LYS C 76 -12.97 -16.82 11.81
C LYS C 76 -12.51 -18.17 12.39
N ASN C 77 -12.91 -18.45 13.63
CA ASN C 77 -12.53 -19.72 14.29
C ASN C 77 -13.01 -20.93 13.50
N PHE C 78 -14.22 -20.80 12.97
CA PHE C 78 -14.86 -21.85 12.19
C PHE C 78 -14.03 -22.16 10.95
N ILE C 79 -13.66 -21.11 10.22
CA ILE C 79 -12.83 -21.29 9.01
C ILE C 79 -11.47 -21.96 9.32
N GLN C 80 -10.79 -21.43 10.33
CA GLN C 80 -9.46 -21.90 10.67
C GLN C 80 -9.48 -23.33 11.20
N LYS C 81 -10.47 -23.67 12.00
CA LYS C 81 -10.57 -25.03 12.51
C LYS C 81 -10.93 -26.00 11.38
N HIS C 82 -11.70 -25.55 10.40
CA HIS C 82 -12.05 -26.43 9.29
C HIS C 82 -10.88 -26.67 8.34
N LEU C 83 -9.94 -25.75 8.29
CA LEU C 83 -8.75 -26.02 7.48
C LEU C 83 -7.97 -27.19 8.10
N ALA C 84 -8.04 -27.34 9.42
CA ALA C 84 -7.31 -28.42 10.09
C ALA C 84 -7.92 -29.78 9.73
N SER C 85 -9.24 -29.83 9.55
CA SER C 85 -9.90 -31.11 9.28
C SER C 85 -10.21 -31.31 7.79
N TYR C 86 -9.86 -30.35 6.95
CA TYR C 86 -10.13 -30.48 5.50
C TYR C 86 -9.26 -31.61 4.92
N THR C 87 -9.88 -32.54 4.21
CA THR C 87 -9.14 -33.67 3.67
C THR C 87 -9.00 -33.57 2.18
N GLY C 88 -9.41 -32.45 1.61
CA GLY C 88 -9.36 -32.25 0.16
C GLY C 88 -8.08 -31.57 -0.32
N THR C 89 -8.06 -31.18 -1.59
CA THR C 89 -6.81 -30.85 -2.27
C THR C 89 -6.79 -29.50 -2.96
N THR C 90 -7.90 -28.75 -2.86
CA THR C 90 -8.03 -27.47 -3.57
C THR C 90 -8.69 -26.41 -2.70
N ILE C 91 -8.45 -25.15 -3.06
CA ILE C 91 -9.13 -24.05 -2.39
C ILE C 91 -10.63 -24.10 -2.65
N GLU C 92 -11.02 -24.46 -3.88
CA GLU C 92 -12.44 -24.53 -4.26
C GLU C 92 -13.15 -25.56 -3.38
N GLY C 93 -12.52 -26.71 -3.18
CA GLY C 93 -13.04 -27.75 -2.32
C GLY C 93 -13.07 -27.35 -0.86
N PHE C 94 -12.08 -26.58 -0.44
CA PHE C 94 -12.04 -26.11 0.93
C PHE C 94 -13.25 -25.19 1.18
N LEU C 95 -13.50 -24.26 0.27
CA LEU C 95 -14.67 -23.39 0.39
C LEU C 95 -15.99 -24.18 0.45
N GLU C 96 -16.12 -25.22 -0.37
CA GLU C 96 -17.32 -26.04 -0.39
C GLU C 96 -17.50 -26.74 0.97
N TYR C 97 -16.39 -27.22 1.53
CA TYR C 97 -16.36 -27.85 2.85
C TYR C 97 -16.81 -26.89 3.96
N VAL C 98 -16.26 -25.68 3.96
CA VAL C 98 -16.64 -24.65 4.94
C VAL C 98 -18.10 -24.25 4.80
N ALA C 99 -18.52 -23.97 3.57
CA ALA C 99 -19.89 -23.53 3.28
C ALA C 99 -20.95 -24.52 3.74
N THR C 100 -20.78 -25.77 3.32
CA THR C 100 -21.67 -26.86 3.70
C THR C 100 -21.68 -27.07 5.24
N SER C 101 -20.52 -27.08 5.87
CA SER C 101 -20.48 -27.27 7.32
C SER C 101 -21.19 -26.11 8.00
N PHE C 102 -20.96 -24.89 7.52
CA PHE C 102 -21.49 -23.71 8.19
C PHE C 102 -22.99 -23.68 8.16
N LEU C 103 -23.58 -23.94 7.00
CA LEU C 103 -25.03 -23.93 6.85
C LEU C 103 -25.66 -25.07 7.64
N LYS C 104 -25.00 -26.23 7.66
CA LYS C 104 -25.46 -27.36 8.51
C LYS C 104 -25.46 -27.01 10.00
N LYS C 105 -24.45 -26.26 10.43
CA LYS C 105 -24.31 -25.85 11.83
C LYS C 105 -25.34 -24.80 12.21
N TYR C 106 -25.55 -23.83 11.32
CA TYR C 106 -26.38 -22.66 11.66
C TYR C 106 -27.60 -22.62 10.77
N SER C 107 -28.65 -23.27 11.26
CA SER C 107 -29.80 -23.58 10.42
C SER C 107 -30.64 -22.34 10.14
N HIS C 108 -30.42 -21.24 10.87
CA HIS C 108 -31.17 -20.02 10.63
C HIS C 108 -30.54 -19.15 9.54
N ILE C 109 -29.33 -19.50 9.10
CA ILE C 109 -28.63 -18.80 8.02
C ILE C 109 -29.08 -19.36 6.67
N GLU C 110 -29.43 -18.49 5.73
CA GLU C 110 -30.03 -18.94 4.46
C GLU C 110 -29.08 -18.90 3.29
N LYS C 111 -28.05 -18.05 3.39
CA LYS C 111 -27.12 -17.85 2.31
C LYS C 111 -25.71 -17.58 2.86
N ILE C 112 -24.72 -18.13 2.18
CA ILE C 112 -23.34 -17.85 2.52
C ILE C 112 -22.56 -17.60 1.25
N SER C 113 -21.60 -16.68 1.35
CA SER C 113 -20.70 -16.36 0.25
C SER C 113 -19.26 -16.36 0.77
N LEU C 114 -18.41 -17.09 0.06
CA LEU C 114 -17.02 -17.29 0.42
C LEU C 114 -16.09 -16.89 -0.71
N ILE C 115 -15.06 -16.15 -0.34
CA ILE C 115 -13.97 -15.83 -1.24
C ILE C 115 -12.68 -16.37 -0.65
N GLY C 116 -11.94 -17.14 -1.43
CA GLY C 116 -10.66 -17.67 -1.00
C GLY C 116 -9.56 -17.22 -1.94
N GLU C 117 -8.53 -16.64 -1.36
CA GLU C 117 -7.36 -16.26 -2.13
C GLU C 117 -6.13 -16.95 -1.62
N GLU C 118 -5.46 -17.71 -2.50
CA GLU C 118 -4.21 -18.39 -2.21
C GLU C 118 -3.17 -17.40 -1.76
N ILE C 119 -2.47 -17.77 -0.70
CA ILE C 119 -1.20 -17.15 -0.39
C ILE C 119 -0.14 -18.04 -1.03
N PRO C 120 0.46 -17.60 -2.15
CA PRO C 120 1.39 -18.50 -2.85
C PRO C 120 2.77 -18.57 -2.22
N PHE C 121 3.33 -19.79 -2.22
CA PHE C 121 4.69 -20.05 -1.75
C PHE C 121 5.49 -20.72 -2.84
N GLU C 122 6.74 -20.30 -2.96
CA GLU C 122 7.63 -20.82 -4.01
C GLU C 122 8.73 -21.64 -3.39
N THR C 123 9.24 -22.58 -4.15
CA THR C 123 10.29 -23.48 -3.66
C THR C 123 11.62 -22.75 -3.60
N THR C 124 12.51 -23.20 -2.70
CA THR C 124 13.87 -22.65 -2.60
C THR C 124 14.89 -23.78 -2.61
N PHE C 125 16.15 -23.44 -2.85
CA PHE C 125 17.22 -24.43 -2.90
C PHE C 125 17.99 -24.52 -1.59
N ALA C 126 18.45 -25.72 -1.27
CA ALA C 126 19.37 -25.93 -0.16
C ALA C 126 20.40 -26.98 -0.53
N VAL C 127 21.58 -26.82 0.06
CA VAL C 127 22.63 -27.82 -0.02
C VAL C 127 22.58 -28.62 1.26
N LYS C 128 22.23 -29.89 1.13
CA LYS C 128 22.15 -30.77 2.27
C LYS C 128 22.46 -32.17 1.77
N ASN C 129 23.27 -32.87 2.54
CA ASN C 129 23.69 -34.24 2.22
C ASN C 129 24.48 -34.32 0.91
N GLY C 130 25.13 -33.22 0.55
CA GLY C 130 26.08 -33.23 -0.55
C GLY C 130 25.54 -32.70 -1.87
N ASN C 131 24.23 -32.48 -1.99
CA ASN C 131 23.70 -31.93 -3.23
C ASN C 131 22.83 -30.70 -3.00
N ARG C 132 22.64 -29.93 -4.07
CA ARG C 132 21.74 -28.80 -4.05
C ARG C 132 20.40 -29.27 -4.64
N ALA C 133 19.33 -29.07 -3.90
CA ALA C 133 18.03 -29.56 -4.30
C ALA C 133 16.93 -28.72 -3.67
N ALA C 134 15.71 -28.91 -4.14
CA ALA C 134 14.56 -28.19 -3.61
C ALA C 134 14.38 -28.54 -2.14
N SER C 135 14.20 -27.51 -1.31
CA SER C 135 13.98 -27.72 0.13
C SER C 135 12.55 -28.19 0.40
N GLU C 136 12.40 -29.17 1.29
CA GLU C 136 11.09 -29.58 1.80
C GLU C 136 10.69 -28.76 3.04
N LEU C 137 11.54 -27.83 3.47
CA LEU C 137 11.30 -27.07 4.70
C LEU C 137 11.15 -25.55 4.53
N VAL C 138 11.95 -24.97 3.63
CA VAL C 138 12.04 -23.53 3.47
C VAL C 138 11.34 -23.09 2.18
N PHE C 139 10.44 -22.14 2.33
CA PHE C 139 9.63 -21.68 1.21
C PHE C 139 9.66 -20.17 1.17
N LYS C 140 9.49 -19.64 -0.04
CA LYS C 140 9.43 -18.21 -0.25
C LYS C 140 7.99 -17.75 -0.46
N LYS C 141 7.54 -16.85 0.41
CA LYS C 141 6.24 -16.25 0.27
C LYS C 141 6.21 -15.27 -0.89
N SER C 142 5.29 -15.49 -1.83
CA SER C 142 5.23 -14.69 -3.05
C SER C 142 4.11 -13.66 -3.06
N ARG C 143 4.41 -12.49 -3.60
CA ARG C 143 3.44 -11.42 -3.77
C ARG C 143 3.03 -11.27 -5.23
N ASN C 144 3.25 -12.31 -6.02
CA ASN C 144 2.95 -12.25 -7.43
C ASN C 144 1.61 -12.93 -7.65
N GLU C 145 1.37 -13.54 -8.80
CA GLU C 145 0.01 -14.00 -9.10
C GLU C 145 -0.41 -15.06 -8.10
N TYR C 146 -1.71 -15.18 -7.89
CA TYR C 146 -2.24 -16.16 -6.98
C TYR C 146 -3.62 -16.68 -7.40
N ALA C 147 -3.89 -17.91 -7.03
CA ALA C 147 -5.16 -18.53 -7.33
C ALA C 147 -6.29 -17.97 -6.46
N THR C 148 -7.48 -17.92 -7.03
CA THR C 148 -8.66 -17.49 -6.29
C THR C 148 -9.80 -18.46 -6.49
N ALA C 149 -10.73 -18.44 -5.54
CA ALA C 149 -11.96 -19.22 -5.65
C ALA C 149 -13.08 -18.45 -5.02
N TYR C 150 -14.28 -18.67 -5.54
CA TYR C 150 -15.46 -17.99 -5.08
C TYR C 150 -16.59 -19.00 -5.03
N LEU C 151 -17.40 -18.95 -3.98
CA LEU C 151 -18.52 -19.88 -3.84
C LEU C 151 -19.68 -19.26 -3.07
N ASN C 152 -20.88 -19.41 -3.62
CA ASN C 152 -22.14 -19.02 -2.97
C ASN C 152 -23.07 -20.24 -2.87
N MET C 153 -23.62 -20.43 -1.67
CA MET C 153 -24.47 -21.56 -1.39
C MET C 153 -25.69 -21.10 -0.60
N VAL C 154 -26.84 -21.73 -0.86
CA VAL C 154 -28.06 -21.41 -0.16
C VAL C 154 -28.63 -22.63 0.55
N ARG C 155 -29.37 -22.38 1.62
CA ARG C 155 -30.17 -23.43 2.25
C ARG C 155 -31.61 -23.30 1.77
N ASN C 156 -32.15 -24.40 1.27
CA ASN C 156 -33.52 -24.41 0.79
C ASN C 156 -34.48 -24.75 1.92
N GLU C 157 -35.77 -24.57 1.68
CA GLU C 157 -36.77 -24.76 2.73
C GLU C 157 -36.77 -26.17 3.31
N ASP C 158 -36.32 -27.15 2.52
CA ASP C 158 -36.32 -28.55 2.91
C ASP C 158 -34.98 -28.94 3.51
N ASN C 159 -34.18 -27.92 3.83
CA ASN C 159 -32.91 -28.06 4.52
C ASN C 159 -31.82 -28.63 3.64
N THR C 160 -32.05 -28.67 2.34
CA THR C 160 -30.99 -29.09 1.43
C THR C 160 -30.20 -27.87 1.08
N LEU C 161 -28.97 -28.11 0.67
CA LEU C 161 -28.07 -27.03 0.30
C LEU C 161 -27.76 -27.05 -1.20
N ASN C 162 -27.76 -25.87 -1.81
CA ASN C 162 -27.33 -25.73 -3.20
C ASN C 162 -26.34 -24.61 -3.43
N ILE C 163 -25.42 -24.92 -4.34
CA ILE C 163 -24.48 -23.96 -4.83
C ILE C 163 -25.21 -23.13 -5.85
N THR C 164 -25.15 -21.80 -5.71
CA THR C 164 -25.81 -20.90 -6.64
C THR C 164 -24.84 -20.09 -7.50
N GLU C 165 -23.55 -20.20 -7.20
CA GLU C 165 -22.49 -19.66 -8.07
C GLU C 165 -21.14 -20.17 -7.59
N GLN C 166 -20.26 -20.46 -8.55
CA GLN C 166 -18.92 -20.95 -8.26
C GLN C 166 -18.04 -20.33 -9.31
N GLN C 167 -16.88 -19.81 -8.91
CA GLN C 167 -15.95 -19.22 -9.87
C GLN C 167 -14.50 -19.41 -9.40
N SER C 168 -13.64 -19.85 -10.29
CA SER C 168 -12.23 -20.00 -9.96
C SER C 168 -11.45 -18.94 -10.72
N GLY C 169 -10.22 -18.70 -10.28
CA GLY C 169 -9.45 -17.60 -10.82
C GLY C 169 -7.95 -17.58 -10.59
N LEU C 170 -7.34 -16.73 -11.39
CA LEU C 170 -5.93 -16.39 -11.31
C LEU C 170 -5.85 -14.88 -11.24
N ALA C 171 -5.29 -14.34 -10.18
CA ALA C 171 -5.29 -12.90 -9.96
C ALA C 171 -3.86 -12.38 -9.92
N GLY C 172 -3.66 -11.17 -10.42
CA GLY C 172 -2.42 -10.46 -10.18
C GLY C 172 -1.27 -10.86 -11.09
N LEU C 173 -1.57 -11.30 -12.30
CA LEU C 173 -0.53 -11.72 -13.23
C LEU C 173 -0.07 -10.51 -14.02
N GLN C 174 1.21 -10.18 -13.90
CA GLN C 174 1.76 -9.00 -14.54
C GLN C 174 2.71 -9.42 -15.63
N LEU C 175 2.34 -9.13 -16.87
CA LEU C 175 3.08 -9.60 -18.02
C LEU C 175 3.43 -8.43 -18.91
N ILE C 176 4.71 -8.40 -19.30
CA ILE C 176 5.19 -7.44 -20.28
C ILE C 176 5.78 -8.22 -21.46
N LYS C 177 5.37 -7.84 -22.68
CA LYS C 177 5.97 -8.39 -23.91
C LYS C 177 6.69 -7.25 -24.63
N VAL C 178 8.00 -7.42 -24.83
CA VAL C 178 8.88 -6.32 -25.20
C VAL C 178 8.71 -5.87 -26.65
N SER C 179 8.23 -6.76 -27.52
CA SER C 179 7.95 -6.38 -28.90
C SER C 179 6.92 -7.31 -29.48
N GLY C 180 6.48 -6.98 -30.69
CA GLY C 180 5.49 -7.78 -31.37
C GLY C 180 4.10 -7.45 -30.87
N ASN C 181 3.87 -6.17 -30.62
CA ASN C 181 2.55 -5.63 -30.26
C ASN C 181 2.31 -4.33 -30.98
N SER C 182 1.12 -4.13 -31.52
CA SER C 182 0.73 -2.85 -32.12
C SER C 182 -0.60 -2.37 -31.57
N PHE C 183 -0.78 -1.06 -31.62
CA PHE C 183 -2.08 -0.43 -31.40
C PHE C 183 -2.16 0.71 -32.40
N VAL C 184 -2.81 0.40 -33.53
CA VAL C 184 -3.02 1.33 -34.64
C VAL C 184 -4.46 1.25 -35.11
N GLY C 185 -4.90 2.25 -35.86
CA GLY C 185 -6.23 2.24 -36.45
C GLY C 185 -7.39 2.59 -35.54
N PHE C 186 -7.09 3.04 -34.32
CA PHE C 186 -8.14 3.42 -33.39
C PHE C 186 -8.69 4.80 -33.79
N ILE C 187 -9.77 5.21 -33.16
CA ILE C 187 -10.38 6.48 -33.50
C ILE C 187 -9.43 7.62 -33.17
N ARG C 188 -9.16 8.47 -34.15
CA ARG C 188 -8.36 9.68 -33.95
C ARG C 188 -9.21 10.90 -34.20
N ASP C 189 -9.70 11.55 -33.14
CA ASP C 189 -10.49 12.74 -33.30
C ASP C 189 -9.99 13.87 -32.40
N GLU C 190 -10.87 14.80 -32.09
CA GLU C 190 -10.45 16.01 -31.40
C GLU C 190 -10.04 15.70 -29.94
N TYR C 191 -10.33 14.50 -29.45
CA TYR C 191 -9.95 14.12 -28.09
C TYR C 191 -8.66 13.26 -28.05
N THR C 192 -8.05 13.04 -29.20
CA THR C 192 -6.98 12.08 -29.30
C THR C 192 -5.61 12.72 -29.37
N THR C 193 -4.75 12.32 -28.44
CA THR C 193 -3.34 12.68 -28.45
C THR C 193 -2.44 11.45 -28.36
N LEU C 194 -3.02 10.27 -28.39
CA LEU C 194 -2.26 9.02 -28.38
C LEU C 194 -1.68 8.70 -29.75
N PRO C 195 -0.35 8.58 -29.85
CA PRO C 195 0.17 8.21 -31.18
C PRO C 195 -0.11 6.76 -31.54
N GLU C 196 -0.19 6.50 -32.83
CA GLU C 196 -0.25 5.14 -33.33
C GLU C 196 1.11 4.50 -33.10
N ASP C 197 1.12 3.22 -32.69
CA ASP C 197 2.37 2.53 -32.39
C ASP C 197 2.35 1.15 -32.99
N SER C 198 3.22 0.92 -33.97
CA SER C 198 3.28 -0.34 -34.67
C SER C 198 4.09 -1.37 -33.89
N ASN C 199 4.81 -0.92 -32.88
CA ASN C 199 5.60 -1.82 -32.05
C ASN C 199 5.81 -1.28 -30.65
N ARG C 200 4.97 -1.73 -29.72
CA ARG C 200 5.02 -1.28 -28.33
C ARG C 200 5.32 -2.43 -27.36
N PRO C 201 5.89 -2.12 -26.20
CA PRO C 201 6.14 -3.13 -25.18
C PRO C 201 4.95 -3.36 -24.24
N LEU C 202 3.93 -4.02 -24.73
CA LEU C 202 2.65 -4.07 -24.04
C LEU C 202 2.77 -4.70 -22.65
N PHE C 203 2.29 -3.96 -21.65
CA PHE C 203 2.29 -4.38 -20.25
C PHE C 203 0.87 -4.56 -19.79
N VAL C 204 0.51 -5.79 -19.45
CA VAL C 204 -0.86 -6.07 -18.98
C VAL C 204 -0.88 -6.70 -17.61
N TYR C 205 -1.80 -6.19 -16.80
CA TYR C 205 -2.12 -6.73 -15.49
C TYR C 205 -3.37 -7.56 -15.68
N LEU C 206 -3.31 -8.85 -15.35
CA LEU C 206 -4.39 -9.77 -15.69
C LEU C 206 -5.04 -10.42 -14.49
N ASN C 207 -6.36 -10.39 -14.46
CA ASN C 207 -7.18 -11.21 -13.57
C ASN C 207 -8.02 -12.04 -14.52
N ILE C 208 -7.91 -13.35 -14.41
CA ILE C 208 -8.63 -14.29 -15.26
C ILE C 208 -9.53 -15.17 -14.40
N LYS C 209 -10.82 -15.27 -14.74
CA LYS C 209 -11.80 -16.01 -13.93
C LYS C 209 -12.57 -16.98 -14.80
N TRP C 210 -12.71 -18.23 -14.34
CA TRP C 210 -13.41 -19.25 -15.13
C TRP C 210 -14.53 -19.93 -14.33
N LYS C 211 -15.51 -20.42 -15.09
CA LYS C 211 -16.66 -21.14 -14.54
C LYS C 211 -16.76 -22.45 -15.26
N TYR C 212 -17.05 -23.48 -14.49
CA TYR C 212 -17.19 -24.83 -15.00
C TYR C 212 -18.62 -25.08 -15.48
N LYS C 213 -18.78 -25.97 -16.47
CA LYS C 213 -20.11 -26.40 -16.85
C LYS C 213 -20.78 -27.20 -15.71
N ASN C 214 -19.99 -28.01 -15.01
CA ASN C 214 -20.47 -28.75 -13.85
C ASN C 214 -19.61 -28.37 -12.66
N THR C 215 -20.23 -27.73 -11.69
CA THR C 215 -19.53 -27.21 -10.51
C THR C 215 -18.64 -28.25 -9.81
N GLU C 216 -19.04 -29.51 -9.88
CA GLU C 216 -18.31 -30.58 -9.22
C GLU C 216 -16.86 -30.69 -9.68
N ASP C 217 -16.62 -30.31 -10.93
CA ASP C 217 -15.29 -30.38 -11.49
C ASP C 217 -14.30 -29.40 -10.80
N SER C 218 -14.83 -28.42 -10.09
CA SER C 218 -14.02 -27.39 -9.43
C SER C 218 -13.33 -27.90 -8.15
N PHE C 219 -13.84 -28.98 -7.55
CA PHE C 219 -13.42 -29.42 -6.21
C PHE C 219 -12.15 -30.25 -6.14
N GLY C 220 -11.81 -30.92 -7.24
CA GLY C 220 -10.59 -31.73 -7.28
C GLY C 220 -10.78 -33.18 -6.83
N THR C 221 -12.02 -33.53 -6.50
CA THR C 221 -12.34 -34.89 -6.10
C THR C 221 -12.01 -35.86 -7.25
N ASN C 222 -12.34 -35.50 -8.48
CA ASN C 222 -11.81 -36.15 -9.69
C ASN C 222 -10.81 -35.19 -10.34
N PRO C 223 -9.52 -35.32 -10.00
CA PRO C 223 -8.56 -34.26 -10.36
C PRO C 223 -8.35 -34.07 -11.85
N GLU C 224 -8.67 -35.06 -12.65
CA GLU C 224 -8.51 -34.97 -14.08
C GLU C 224 -9.42 -33.89 -14.71
N ASN C 225 -10.42 -33.43 -13.96
CA ASN C 225 -11.34 -32.40 -14.45
C ASN C 225 -11.06 -31.05 -13.88
N TYR C 226 -10.11 -31.00 -12.95
CA TYR C 226 -9.70 -29.76 -12.31
C TYR C 226 -8.81 -28.92 -13.21
N VAL C 227 -9.15 -27.63 -13.29
CA VAL C 227 -8.35 -26.66 -14.03
C VAL C 227 -7.54 -25.85 -13.04
N ALA C 228 -6.22 -26.01 -13.10
CA ALA C 228 -5.35 -25.33 -12.15
C ALA C 228 -4.98 -23.89 -12.61
N ALA C 229 -5.01 -22.94 -11.68
CA ALA C 229 -4.60 -21.57 -12.03
C ALA C 229 -3.22 -21.52 -12.67
N GLU C 230 -2.32 -22.42 -12.26
CA GLU C 230 -0.97 -22.44 -12.84
C GLU C 230 -0.99 -22.75 -14.34
N GLN C 231 -1.96 -23.56 -14.76
CA GLN C 231 -2.08 -23.92 -16.16
C GLN C 231 -2.60 -22.74 -16.96
N ILE C 232 -3.52 -22.00 -16.35
CA ILE C 232 -4.11 -20.82 -16.99
C ILE C 232 -3.05 -19.73 -17.17
N ARG C 233 -2.22 -19.55 -16.15
CA ARG C 233 -1.07 -18.66 -16.18
C ARG C 233 -0.21 -18.95 -17.42
N ASP C 234 0.04 -20.23 -17.67
CA ASP C 234 0.95 -20.63 -18.72
C ASP C 234 0.30 -20.51 -20.09
N ILE C 235 -1.01 -20.72 -20.17
CA ILE C 235 -1.72 -20.45 -21.41
C ILE C 235 -1.63 -18.97 -21.71
N ALA C 236 -1.76 -18.14 -20.69
CA ALA C 236 -1.72 -16.70 -20.89
C ALA C 236 -0.35 -16.24 -21.41
N THR C 237 0.75 -16.77 -20.84
CA THR C 237 2.07 -16.37 -21.28
C THR C 237 2.39 -16.95 -22.65
N SER C 238 1.95 -18.17 -22.92
CA SER C 238 2.17 -18.72 -24.25
C SER C 238 1.40 -17.92 -25.32
N VAL C 239 0.13 -17.61 -25.10
CA VAL C 239 -0.65 -16.94 -26.13
C VAL C 239 -0.15 -15.53 -26.40
N PHE C 240 0.25 -14.82 -25.36
CA PHE C 240 0.87 -13.50 -25.50
C PHE C 240 2.09 -13.54 -26.41
N HIS C 241 2.95 -14.51 -26.16
CA HIS C 241 4.15 -14.73 -26.96
C HIS C 241 3.83 -15.03 -28.42
N GLU C 242 2.86 -15.92 -28.64
CA GLU C 242 2.48 -16.36 -29.98
C GLU C 242 1.82 -15.28 -30.82
N THR C 243 1.21 -14.31 -30.17
CA THR C 243 0.30 -13.39 -30.85
C THR C 243 1.01 -12.07 -31.18
N GLU C 244 0.93 -11.68 -32.45
CA GLU C 244 1.19 -10.28 -32.81
C GLU C 244 -0.04 -9.49 -32.37
N THR C 245 -0.01 -8.94 -31.17
CA THR C 245 -1.24 -8.40 -30.62
C THR C 245 -1.58 -7.10 -31.34
N LEU C 246 -2.88 -6.86 -31.46
CA LEU C 246 -3.43 -5.69 -32.15
C LEU C 246 -4.06 -4.70 -31.15
N SER C 247 -4.17 -5.17 -29.91
CA SER C 247 -4.72 -4.43 -28.78
C SER C 247 -4.77 -5.41 -27.63
N ILE C 248 -5.02 -4.91 -26.43
CA ILE C 248 -5.27 -5.82 -25.31
C ILE C 248 -6.58 -6.60 -25.54
N GLN C 249 -7.57 -5.94 -26.10
CA GLN C 249 -8.86 -6.56 -26.41
C GLN C 249 -8.63 -7.83 -27.22
N HIS C 250 -7.86 -7.68 -28.29
CA HIS C 250 -7.51 -8.76 -29.21
C HIS C 250 -6.78 -9.90 -28.48
N LEU C 251 -5.86 -9.54 -27.61
CA LEU C 251 -5.10 -10.51 -26.84
C LEU C 251 -5.98 -11.36 -25.91
N ILE C 252 -6.81 -10.71 -25.12
CA ILE C 252 -7.54 -11.47 -24.12
C ILE C 252 -8.60 -12.38 -24.75
N TYR C 253 -9.12 -12.02 -25.93
CA TYR C 253 -10.01 -12.89 -26.68
C TYR C 253 -9.28 -14.17 -27.05
N LEU C 254 -8.06 -14.03 -27.55
CA LEU C 254 -7.28 -15.20 -27.95
C LEU C 254 -6.85 -16.05 -26.75
N ILE C 255 -6.64 -15.42 -25.60
CA ILE C 255 -6.29 -16.20 -24.41
C ILE C 255 -7.53 -17.02 -24.00
N GLY C 256 -8.69 -16.38 -24.00
CA GLY C 256 -9.93 -17.07 -23.62
C GLY C 256 -10.26 -18.22 -24.56
N ARG C 257 -10.07 -17.99 -25.86
CA ARG C 257 -10.27 -19.07 -26.83
C ARG C 257 -9.35 -20.26 -26.55
N ARG C 258 -8.08 -19.99 -26.26
CA ARG C 258 -7.15 -21.10 -26.02
C ARG C 258 -7.57 -21.84 -24.74
N ILE C 259 -8.00 -21.10 -23.72
CA ILE C 259 -8.41 -21.72 -22.47
C ILE C 259 -9.58 -22.65 -22.71
N LEU C 260 -10.58 -22.19 -23.44
CA LEU C 260 -11.81 -22.95 -23.62
C LEU C 260 -11.63 -24.12 -24.58
N GLU C 261 -10.64 -24.03 -25.44
CA GLU C 261 -10.26 -25.12 -26.33
C GLU C 261 -9.51 -26.20 -25.54
N ARG C 262 -8.63 -25.78 -24.63
CA ARG C 262 -7.84 -26.72 -23.85
C ARG C 262 -8.66 -27.39 -22.78
N PHE C 263 -9.69 -26.69 -22.32
CA PHE C 263 -10.51 -27.14 -21.22
C PHE C 263 -12.02 -27.15 -21.57
N PRO C 264 -12.47 -28.21 -22.24
CA PRO C 264 -13.87 -28.29 -22.65
C PRO C 264 -14.83 -28.42 -21.47
N GLN C 265 -14.32 -28.71 -20.27
CA GLN C 265 -15.19 -28.77 -19.10
C GLN C 265 -15.53 -27.37 -18.60
N LEU C 266 -14.92 -26.35 -19.20
CA LEU C 266 -15.18 -24.97 -18.79
C LEU C 266 -16.26 -24.36 -19.68
N GLN C 267 -17.12 -23.55 -19.07
CA GLN C 267 -18.24 -22.90 -19.76
C GLN C 267 -17.79 -21.57 -20.32
N GLU C 268 -17.15 -20.77 -19.50
CA GLU C 268 -16.71 -19.45 -19.93
C GLU C 268 -15.50 -18.96 -19.13
N VAL C 269 -14.86 -17.93 -19.67
CA VAL C 269 -13.68 -17.35 -19.03
C VAL C 269 -13.88 -15.86 -19.06
N TYR C 270 -13.63 -15.20 -17.93
CA TYR C 270 -13.83 -13.77 -17.80
C TYR C 270 -12.49 -13.09 -17.55
N PHE C 271 -12.26 -11.98 -18.25
CA PHE C 271 -11.02 -11.20 -18.09
C PHE C 271 -11.28 -9.80 -17.56
N GLU C 272 -10.51 -9.44 -16.55
CA GLU C 272 -10.38 -8.06 -16.14
C GLU C 272 -8.89 -7.72 -16.31
N SER C 273 -8.57 -6.92 -17.30
CA SER C 273 -7.16 -6.60 -17.61
C SER C 273 -6.94 -5.11 -17.50
N GLN C 274 -5.70 -4.72 -17.17
CA GLN C 274 -5.32 -3.31 -17.11
C GLN C 274 -4.08 -3.11 -17.96
N ASN C 275 -4.01 -1.95 -18.58
CA ASN C 275 -2.92 -1.58 -19.45
C ASN C 275 -1.96 -0.72 -18.65
N HIS C 276 -0.71 -1.14 -18.46
CA HIS C 276 0.27 -0.33 -17.73
C HIS C 276 1.53 -0.13 -18.55
N THR C 277 1.36 -0.10 -19.86
CA THR C 277 2.49 0.00 -20.77
C THR C 277 3.36 1.25 -20.56
N TRP C 278 4.66 1.04 -20.66
CA TRP C 278 5.64 2.10 -20.40
C TRP C 278 5.66 3.11 -21.56
N ASP C 279 5.96 4.37 -21.24
CA ASP C 279 6.22 5.39 -22.23
C ASP C 279 7.65 5.28 -22.74
N LYS C 280 7.84 5.48 -24.03
CA LYS C 280 9.19 5.46 -24.58
C LYS C 280 9.96 6.77 -24.34
N ILE C 281 11.22 6.64 -23.94
CA ILE C 281 12.11 7.76 -23.74
C ILE C 281 13.23 7.87 -24.77
N VAL C 282 13.73 6.72 -25.23
CA VAL C 282 14.81 6.67 -26.21
C VAL C 282 14.52 5.59 -27.24
N GLU C 283 14.36 6.00 -28.50
CA GLU C 283 13.89 5.11 -29.56
C GLU C 283 15.02 4.36 -30.27
N GLU C 284 16.21 4.96 -30.31
CA GLU C 284 17.33 4.35 -31.02
C GLU C 284 18.61 4.48 -30.21
N ILE C 285 19.25 3.35 -29.95
CA ILE C 285 20.49 3.29 -29.17
N GLU C 289 19.58 -2.82 -30.83
CA GLU C 289 18.13 -2.93 -30.99
C GLU C 289 17.36 -2.43 -29.75
N GLY C 290 18.09 -2.01 -28.71
CA GLY C 290 17.48 -1.66 -27.44
C GLY C 290 16.89 -0.26 -27.37
N LYS C 291 16.03 -0.05 -26.37
CA LYS C 291 15.38 1.23 -26.17
C LYS C 291 15.31 1.53 -24.68
N VAL C 292 14.97 2.76 -24.30
CA VAL C 292 14.63 3.00 -22.91
C VAL C 292 13.20 3.52 -22.74
N TYR C 293 12.53 2.98 -21.73
CA TYR C 293 11.19 3.37 -21.35
C TYR C 293 11.08 3.80 -19.88
N THR C 294 9.95 4.40 -19.50
CA THR C 294 9.71 4.71 -18.10
C THR C 294 8.25 4.47 -17.71
N GLU C 295 7.98 4.59 -16.43
CA GLU C 295 6.63 4.41 -15.90
C GLU C 295 5.71 5.50 -16.40
N PRO C 296 4.50 5.12 -16.82
CA PRO C 296 3.57 6.13 -17.28
C PRO C 296 2.89 6.81 -16.11
N CYS C 297 2.03 7.77 -16.42
CA CYS C 297 1.29 8.48 -15.39
C CYS C 297 0.11 7.62 -14.91
N PRO C 298 -0.58 8.07 -13.86
CA PRO C 298 -1.52 7.18 -13.17
C PRO C 298 -2.67 6.61 -14.00
N PRO C 299 -3.22 7.34 -14.97
CA PRO C 299 -4.42 6.75 -15.59
C PRO C 299 -4.10 5.43 -16.27
N TYR C 300 -4.93 4.43 -16.04
CA TYR C 300 -4.68 3.11 -16.60
C TYR C 300 -5.92 2.68 -17.39
N GLY C 301 -5.70 2.06 -18.53
CA GLY C 301 -6.81 1.55 -19.31
C GLY C 301 -7.17 0.21 -18.75
N PHE C 302 -8.44 -0.18 -18.91
CA PHE C 302 -8.87 -1.53 -18.56
C PHE C 302 -9.92 -2.10 -19.53
N GLN C 303 -10.00 -3.43 -19.53
CA GLN C 303 -10.95 -4.18 -20.35
C GLN C 303 -11.63 -5.23 -19.50
N CYS C 304 -12.92 -5.42 -19.76
CA CYS C 304 -13.72 -6.43 -19.07
C CYS C 304 -14.43 -7.25 -20.13
N PHE C 305 -14.10 -8.54 -20.20
CA PHE C 305 -14.57 -9.36 -21.32
C PHE C 305 -14.73 -10.81 -20.98
N THR C 306 -15.85 -11.38 -21.39
CA THR C 306 -16.10 -12.80 -21.23
C THR C 306 -16.02 -13.53 -22.56
N VAL C 307 -15.25 -14.62 -22.59
CA VAL C 307 -15.26 -15.53 -23.72
C VAL C 307 -16.13 -16.72 -23.31
N THR C 308 -17.05 -17.10 -24.21
CA THR C 308 -18.03 -18.14 -23.93
C THR C 308 -18.01 -19.24 -24.97
N GLN C 309 -18.94 -20.17 -24.80
CA GLN C 309 -19.08 -21.31 -25.69
C GLN C 309 -19.41 -20.90 -27.11
N GLU C 310 -20.17 -19.80 -27.23
CA GLU C 310 -20.60 -19.30 -28.53
C GLU C 310 -19.41 -18.81 -29.39
N ASP C 311 -18.29 -18.53 -28.76
CA ASP C 311 -17.12 -18.05 -29.48
C ASP C 311 -16.25 -19.16 -30.06
N LEU C 312 -16.65 -20.41 -29.86
CA LEU C 312 -15.84 -21.54 -30.26
C LEU C 312 -16.39 -22.10 -31.55
N PRO C 313 -15.50 -22.62 -32.42
CA PRO C 313 -15.94 -23.17 -33.71
C PRO C 313 -16.22 -24.66 -33.64
N ARG D 6 -23.09 -10.84 -23.27
CA ARG D 6 -21.81 -11.07 -22.62
C ARG D 6 -21.35 -9.83 -21.89
N VAL D 7 -20.51 -10.00 -20.89
CA VAL D 7 -19.83 -8.89 -20.26
C VAL D 7 -18.79 -8.38 -21.27
N MET D 8 -18.89 -7.10 -21.57
CA MET D 8 -17.99 -6.49 -22.54
C MET D 8 -17.94 -5.00 -22.29
N TYR D 9 -16.86 -4.58 -21.63
CA TYR D 9 -16.66 -3.18 -21.29
C TYR D 9 -15.18 -2.85 -21.39
N TYR D 10 -14.87 -1.58 -21.60
CA TYR D 10 -13.51 -1.13 -21.42
C TYR D 10 -13.54 0.35 -21.06
N GLY D 11 -12.41 0.87 -20.58
CA GLY D 11 -12.33 2.26 -20.20
C GLY D 11 -11.04 2.64 -19.49
N LYS D 12 -11.16 3.64 -18.63
CA LYS D 12 -10.02 4.26 -17.97
C LYS D 12 -10.31 4.49 -16.48
N GLY D 13 -9.35 4.13 -15.61
CA GLY D 13 -9.46 4.35 -14.19
C GLY D 13 -8.38 5.32 -13.75
N ASP D 14 -8.53 5.90 -12.56
CA ASP D 14 -7.56 6.86 -12.02
C ASP D 14 -7.31 8.03 -12.96
N VAL D 15 -8.37 8.49 -13.60
CA VAL D 15 -8.34 9.77 -14.28
C VAL D 15 -8.53 10.89 -13.26
N PHE D 16 -7.42 11.46 -12.80
CA PHE D 16 -7.46 12.58 -11.87
C PHE D 16 -7.68 13.87 -12.63
N ALA D 17 -8.49 14.75 -12.05
CA ALA D 17 -8.77 16.05 -12.65
C ALA D 17 -9.02 17.05 -11.55
N TYR D 18 -8.23 18.11 -11.56
CA TYR D 18 -8.33 19.17 -10.57
C TYR D 18 -8.69 20.46 -11.22
N ARG D 19 -9.70 21.10 -10.67
CA ARG D 19 -10.23 22.36 -11.20
C ARG D 19 -10.21 23.41 -10.12
N THR D 20 -9.73 24.60 -10.47
CA THR D 20 -9.81 25.73 -9.58
C THR D 20 -11.03 26.56 -9.95
N TYR D 21 -11.68 27.11 -8.93
CA TYR D 21 -12.75 28.08 -9.13
C TYR D 21 -13.87 27.49 -9.97
N LEU D 22 -14.31 26.29 -9.60
CA LEU D 22 -15.58 25.79 -10.08
C LEU D 22 -16.67 26.67 -9.49
N LYS D 23 -17.87 26.67 -10.07
CA LYS D 23 -18.98 27.45 -9.53
C LYS D 23 -19.25 26.99 -8.10
N PRO D 24 -19.26 27.93 -7.14
CA PRO D 24 -19.54 27.53 -5.75
C PRO D 24 -20.88 26.83 -5.62
N LEU D 25 -20.95 25.85 -4.73
CA LEU D 25 -22.22 25.24 -4.33
C LEU D 25 -22.82 26.09 -3.21
N THR D 26 -23.97 26.72 -3.47
CA THR D 26 -24.62 27.56 -2.48
C THR D 26 -26.12 27.28 -2.42
N GLY D 27 -26.73 27.68 -1.32
CA GLY D 27 -28.16 27.55 -1.14
C GLY D 27 -28.62 26.14 -0.78
N VAL D 28 -27.74 25.37 -0.14
CA VAL D 28 -28.12 24.05 0.33
C VAL D 28 -29.01 24.19 1.56
N ARG D 29 -29.90 23.23 1.76
CA ARG D 29 -30.68 23.16 3.00
C ARG D 29 -29.77 22.65 4.11
N THR D 30 -29.66 23.38 5.19
CA THR D 30 -28.88 22.91 6.33
C THR D 30 -29.72 21.98 7.18
N ILE D 31 -29.05 21.13 7.96
CA ILE D 31 -29.71 20.31 8.96
C ILE D 31 -29.02 20.48 10.31
N PRO D 32 -29.70 20.10 11.39
CA PRO D 32 -29.17 20.34 12.74
C PRO D 32 -27.79 19.70 12.99
N GLU D 33 -27.52 18.53 12.42
CA GLU D 33 -26.31 17.80 12.75
C GLU D 33 -25.07 18.42 12.16
N SER D 34 -25.23 19.33 11.21
CA SER D 34 -24.09 19.78 10.45
C SER D 34 -24.10 21.28 10.20
N PRO D 35 -22.93 21.92 10.34
CA PRO D 35 -22.75 23.32 9.94
C PRO D 35 -22.62 23.48 8.43
N PHE D 36 -22.51 22.39 7.69
CA PHE D 36 -22.34 22.47 6.23
C PHE D 36 -23.37 23.41 5.60
N SER D 37 -22.91 24.29 4.72
CA SER D 37 -23.79 25.25 4.07
C SER D 37 -23.38 25.52 2.65
N GLY D 38 -22.41 24.76 2.13
CA GLY D 38 -22.00 24.91 0.75
C GLY D 38 -20.52 24.65 0.57
N ARG D 39 -20.04 24.82 -0.65
CA ARG D 39 -18.63 24.62 -1.01
C ARG D 39 -18.11 25.79 -1.82
N ASP D 40 -16.98 26.36 -1.38
CA ASP D 40 -16.36 27.50 -2.08
C ASP D 40 -15.80 27.11 -3.45
N HIS D 41 -15.33 25.86 -3.56
CA HIS D 41 -14.79 25.32 -4.80
C HIS D 41 -13.66 26.15 -5.38
N ILE D 42 -12.87 26.77 -4.52
CA ILE D 42 -11.63 27.36 -4.97
C ILE D 42 -10.82 26.24 -5.58
N LEU D 43 -10.95 25.07 -5.00
CA LEU D 43 -10.22 23.90 -5.43
C LEU D 43 -11.14 22.72 -5.37
N PHE D 44 -11.25 22.07 -6.53
CA PHE D 44 -12.13 20.94 -6.71
C PHE D 44 -11.40 19.84 -7.45
N GLY D 45 -11.20 18.69 -6.81
CA GLY D 45 -10.55 17.56 -7.46
C GLY D 45 -11.44 16.33 -7.49
N VAL D 46 -11.33 15.56 -8.56
CA VAL D 46 -12.10 14.34 -8.71
C VAL D 46 -11.25 13.25 -9.36
N ASN D 47 -11.39 12.02 -8.87
CA ASN D 47 -10.81 10.85 -9.49
C ASN D 47 -11.88 10.03 -10.21
N VAL D 48 -11.77 9.94 -11.51
CA VAL D 48 -12.86 9.39 -12.33
C VAL D 48 -12.47 8.08 -12.95
N LYS D 49 -13.39 7.12 -12.88
CA LYS D 49 -13.27 5.89 -13.62
C LYS D 49 -14.46 5.79 -14.59
N ILE D 50 -14.16 5.49 -15.86
CA ILE D 50 -15.16 5.43 -16.91
C ILE D 50 -15.11 4.06 -17.56
N SER D 51 -16.30 3.50 -17.75
CA SER D 51 -16.49 2.21 -18.42
C SER D 51 -17.57 2.37 -19.48
N VAL D 52 -17.33 1.84 -20.67
CA VAL D 52 -18.29 1.95 -21.76
C VAL D 52 -18.46 0.59 -22.42
N GLY D 53 -19.65 0.33 -22.95
CA GLY D 53 -19.89 -0.87 -23.71
C GLY D 53 -20.86 -0.59 -24.85
N GLY D 54 -20.99 -1.58 -25.72
CA GLY D 54 -21.93 -1.53 -26.83
C GLY D 54 -21.63 -2.75 -27.66
N THR D 55 -22.66 -3.35 -28.24
CA THR D 55 -22.49 -4.61 -28.97
C THR D 55 -21.54 -4.44 -30.14
N LYS D 56 -21.48 -3.25 -30.74
CA LYS D 56 -20.64 -3.04 -31.93
C LYS D 56 -19.13 -3.01 -31.60
N LEU D 57 -18.81 -3.10 -30.31
CA LEU D 57 -17.42 -3.21 -29.87
C LEU D 57 -16.85 -4.61 -30.03
N LEU D 58 -17.72 -5.58 -30.33
CA LEU D 58 -17.32 -6.98 -30.35
C LEU D 58 -16.13 -7.27 -31.25
N THR D 59 -16.06 -6.69 -32.44
CA THR D 59 -14.98 -7.06 -33.36
C THR D 59 -13.63 -6.52 -32.90
N SER D 60 -13.63 -5.52 -32.02
CA SER D 60 -12.36 -5.06 -31.46
C SER D 60 -11.74 -6.16 -30.61
N PHE D 61 -12.59 -7.03 -30.05
CA PHE D 61 -12.08 -8.19 -29.33
C PHE D 61 -11.84 -9.39 -30.26
N THR D 62 -12.84 -9.78 -31.03
CA THR D 62 -12.74 -11.01 -31.81
C THR D 62 -11.85 -10.94 -33.06
N LYS D 63 -11.68 -9.74 -33.60
CA LYS D 63 -10.96 -9.58 -34.87
C LYS D 63 -9.75 -8.64 -34.76
N GLY D 64 -9.63 -7.92 -33.66
CA GLY D 64 -8.55 -6.97 -33.54
C GLY D 64 -8.76 -5.78 -34.45
N ASP D 65 -10.04 -5.46 -34.68
CA ASP D 65 -10.44 -4.32 -35.49
C ASP D 65 -10.62 -3.12 -34.58
N ASN D 66 -9.73 -2.15 -34.71
CA ASN D 66 -9.77 -0.96 -33.84
C ASN D 66 -10.60 0.20 -34.38
N SER D 67 -11.26 0.01 -35.53
CA SER D 67 -12.08 1.05 -36.16
C SER D 67 -13.03 1.81 -35.23
N LEU D 68 -13.65 1.12 -34.27
CA LEU D 68 -14.68 1.73 -33.42
C LEU D 68 -14.18 1.90 -32.00
N VAL D 69 -12.85 1.77 -31.83
CA VAL D 69 -12.22 1.91 -30.53
C VAL D 69 -11.80 3.36 -30.26
N VAL D 70 -12.56 4.01 -29.37
CA VAL D 70 -12.13 5.21 -28.68
C VAL D 70 -11.02 4.81 -27.70
N ALA D 71 -9.83 5.38 -27.87
CA ALA D 71 -8.71 5.03 -27.03
C ALA D 71 -9.07 5.45 -25.62
N THR D 72 -8.76 4.59 -24.67
CA THR D 72 -8.94 4.91 -23.27
C THR D 72 -8.18 6.19 -22.94
N ASP D 73 -7.02 6.38 -23.58
CA ASP D 73 -6.30 7.64 -23.42
C ASP D 73 -7.18 8.83 -23.82
N SER D 74 -8.01 8.66 -24.85
CA SER D 74 -8.85 9.75 -25.33
C SER D 74 -9.99 10.00 -24.38
N MET D 75 -10.48 8.93 -23.74
CA MET D 75 -11.48 9.05 -22.67
C MET D 75 -11.00 9.88 -21.47
N LYS D 76 -9.74 9.66 -21.09
CA LYS D 76 -9.06 10.51 -20.09
C LYS D 76 -9.10 11.98 -20.52
N ASN D 77 -8.73 12.23 -21.77
CA ASN D 77 -8.74 13.60 -22.33
C ASN D 77 -10.14 14.21 -22.33
N PHE D 78 -11.11 13.40 -22.72
CA PHE D 78 -12.52 13.78 -22.75
C PHE D 78 -12.95 14.28 -21.36
N ILE D 79 -12.71 13.45 -20.35
CA ILE D 79 -13.04 13.77 -18.98
C ILE D 79 -12.35 15.06 -18.50
N GLN D 80 -11.06 15.18 -18.75
CA GLN D 80 -10.30 16.35 -18.29
C GLN D 80 -10.77 17.67 -18.91
N LYS D 81 -11.09 17.64 -20.20
CA LYS D 81 -11.55 18.84 -20.89
C LYS D 81 -12.97 19.20 -20.47
N HIS D 82 -13.78 18.21 -20.13
CA HIS D 82 -15.15 18.51 -19.74
C HIS D 82 -15.18 19.13 -18.35
N LEU D 83 -14.20 18.81 -17.50
CA LEU D 83 -14.13 19.47 -16.20
C LEU D 83 -13.86 20.97 -16.41
N ALA D 84 -13.07 21.30 -17.43
CA ALA D 84 -12.82 22.70 -17.76
C ALA D 84 -14.09 23.45 -18.20
N SER D 85 -14.99 22.77 -18.90
CA SER D 85 -16.21 23.39 -19.45
C SER D 85 -17.45 23.26 -18.57
N TYR D 86 -17.39 22.39 -17.56
CA TYR D 86 -18.51 22.13 -16.69
C TYR D 86 -18.90 23.40 -15.93
N THR D 87 -20.20 23.71 -15.94
CA THR D 87 -20.70 24.94 -15.33
C THR D 87 -21.53 24.68 -14.08
N GLY D 88 -21.56 23.43 -13.62
CA GLY D 88 -22.32 23.06 -12.44
C GLY D 88 -21.48 23.04 -11.17
N THR D 89 -22.04 22.41 -10.13
CA THR D 89 -21.59 22.59 -8.75
C THR D 89 -21.39 21.31 -7.95
N THR D 90 -21.58 20.15 -8.58
CA THR D 90 -21.45 18.90 -7.85
C THR D 90 -20.76 17.82 -8.66
N ILE D 91 -20.23 16.82 -7.97
CA ILE D 91 -19.60 15.72 -8.66
C ILE D 91 -20.66 14.92 -9.40
N GLU D 92 -21.84 14.78 -8.79
CA GLU D 92 -22.95 14.07 -9.43
C GLU D 92 -23.30 14.76 -10.77
N GLY D 93 -23.42 16.08 -10.77
CA GLY D 93 -23.77 16.83 -11.98
C GLY D 93 -22.68 16.70 -13.03
N PHE D 94 -21.42 16.66 -12.60
CA PHE D 94 -20.31 16.53 -13.54
C PHE D 94 -20.35 15.18 -14.26
N LEU D 95 -20.65 14.12 -13.54
CA LEU D 95 -20.75 12.81 -14.15
C LEU D 95 -21.86 12.77 -15.20
N GLU D 96 -22.98 13.42 -14.89
CA GLU D 96 -24.09 13.49 -15.84
C GLU D 96 -23.69 14.28 -17.10
N TYR D 97 -22.89 15.32 -16.91
CA TYR D 97 -22.40 16.12 -18.03
C TYR D 97 -21.49 15.27 -18.91
N VAL D 98 -20.53 14.58 -18.29
CA VAL D 98 -19.64 13.71 -19.04
C VAL D 98 -20.41 12.59 -19.76
N ALA D 99 -21.32 11.91 -19.07
CA ALA D 99 -22.05 10.79 -19.66
C ALA D 99 -22.86 11.22 -20.87
N THR D 100 -23.64 12.29 -20.73
CA THR D 100 -24.53 12.74 -21.79
C THR D 100 -23.72 13.14 -23.03
N SER D 101 -22.66 13.91 -22.76
CA SER D 101 -21.78 14.42 -23.78
C SER D 101 -21.09 13.25 -24.50
N PHE D 102 -20.61 12.28 -23.74
CA PHE D 102 -19.91 11.15 -24.34
C PHE D 102 -20.82 10.32 -25.26
N LEU D 103 -22.03 10.03 -24.78
CA LEU D 103 -22.97 9.23 -25.56
C LEU D 103 -23.45 10.01 -26.80
N LYS D 104 -23.63 11.31 -26.68
CA LYS D 104 -24.00 12.10 -27.84
C LYS D 104 -22.84 12.12 -28.84
N LYS D 105 -21.61 12.04 -28.34
CA LYS D 105 -20.44 12.06 -29.24
C LYS D 105 -20.24 10.73 -29.98
N TYR D 106 -20.37 9.61 -29.27
CA TYR D 106 -20.06 8.29 -29.82
C TYR D 106 -21.30 7.39 -29.85
N SER D 107 -21.96 7.33 -30.99
CA SER D 107 -23.33 6.81 -31.10
C SER D 107 -23.37 5.28 -31.01
N HIS D 108 -22.22 4.64 -31.24
CA HIS D 108 -22.08 3.20 -31.16
C HIS D 108 -21.88 2.72 -29.70
N ILE D 109 -21.68 3.65 -28.77
CA ILE D 109 -21.64 3.29 -27.36
C ILE D 109 -23.08 3.22 -26.83
N GLU D 110 -23.47 2.08 -26.27
CA GLU D 110 -24.84 1.91 -25.77
C GLU D 110 -24.97 2.11 -24.26
N LYS D 111 -23.84 2.05 -23.56
CA LYS D 111 -23.84 2.14 -22.10
C LYS D 111 -22.57 2.77 -21.62
N ILE D 112 -22.71 3.70 -20.67
CA ILE D 112 -21.57 4.31 -20.00
C ILE D 112 -21.81 4.24 -18.50
N SER D 113 -20.76 3.91 -17.77
CA SER D 113 -20.82 3.81 -16.33
C SER D 113 -19.67 4.64 -15.76
N LEU D 114 -20.00 5.61 -14.91
CA LEU D 114 -19.00 6.51 -14.30
C LEU D 114 -18.97 6.45 -12.78
N ILE D 115 -17.76 6.39 -12.26
CA ILE D 115 -17.54 6.54 -10.82
C ILE D 115 -16.69 7.76 -10.62
N GLY D 116 -17.07 8.58 -9.66
CA GLY D 116 -16.32 9.76 -9.30
C GLY D 116 -16.00 9.77 -7.83
N GLU D 117 -14.74 9.97 -7.51
CA GLU D 117 -14.32 10.09 -6.11
C GLU D 117 -13.66 11.43 -5.90
N GLU D 118 -14.22 12.19 -4.96
CA GLU D 118 -13.69 13.48 -4.56
C GLU D 118 -12.28 13.32 -3.99
N ILE D 119 -11.36 14.18 -4.41
CA ILE D 119 -10.13 14.39 -3.68
C ILE D 119 -10.40 15.55 -2.72
N PRO D 120 -10.52 15.25 -1.42
CA PRO D 120 -10.90 16.31 -0.48
C PRO D 120 -9.74 17.24 -0.11
N PHE D 121 -10.01 18.54 -0.07
CA PHE D 121 -9.05 19.53 0.37
C PHE D 121 -9.64 20.30 1.53
N GLU D 122 -8.91 20.37 2.64
CA GLU D 122 -9.38 21.09 3.84
C GLU D 122 -8.76 22.50 3.94
N THR D 123 -9.44 23.42 4.59
CA THR D 123 -8.92 24.77 4.68
C THR D 123 -7.79 24.81 5.67
N THR D 124 -6.97 25.86 5.62
CA THR D 124 -5.87 26.03 6.57
C THR D 124 -5.86 27.45 7.10
N PHE D 125 -5.13 27.68 8.19
CA PHE D 125 -5.04 29.01 8.80
C PHE D 125 -3.88 29.78 8.21
N ALA D 126 -4.10 31.06 7.94
CA ALA D 126 -3.01 31.97 7.56
C ALA D 126 -3.17 33.34 8.22
N VAL D 127 -2.05 33.91 8.62
CA VAL D 127 -2.03 35.26 9.20
C VAL D 127 -2.00 36.33 8.11
N ALA D 134 -8.46 31.95 7.65
CA ALA D 134 -8.62 30.86 6.68
C ALA D 134 -8.10 31.26 5.31
N SER D 135 -7.10 30.54 4.81
CA SER D 135 -6.48 30.89 3.54
C SER D 135 -7.42 30.66 2.38
N GLU D 136 -7.35 31.56 1.40
CA GLU D 136 -8.06 31.37 0.16
C GLU D 136 -7.13 30.79 -0.92
N LEU D 137 -5.90 30.46 -0.52
CA LEU D 137 -4.87 30.04 -1.47
C LEU D 137 -4.25 28.69 -1.10
N VAL D 138 -4.11 28.43 0.20
CA VAL D 138 -3.42 27.22 0.67
C VAL D 138 -4.42 26.20 1.23
N PHE D 139 -4.38 24.97 0.71
CA PHE D 139 -5.27 23.91 1.16
C PHE D 139 -4.54 22.65 1.55
N LYS D 140 -5.15 21.88 2.45
CA LYS D 140 -4.55 20.62 2.87
C LYS D 140 -5.19 19.46 2.11
N LYS D 141 -4.38 18.68 1.39
CA LYS D 141 -4.92 17.49 0.75
C LYS D 141 -5.20 16.45 1.83
N SER D 142 -6.44 15.96 1.88
CA SER D 142 -6.85 15.06 2.95
C SER D 142 -6.91 13.62 2.48
N ARG D 143 -6.55 12.72 3.39
CA ARG D 143 -6.61 11.30 3.13
C ARG D 143 -7.73 10.63 3.90
N ASN D 144 -8.62 11.44 4.45
CA ASN D 144 -9.73 10.94 5.23
C ASN D 144 -10.98 10.78 4.37
N GLU D 145 -12.15 10.96 4.96
CA GLU D 145 -13.38 10.68 4.23
C GLU D 145 -13.55 11.59 3.00
N TYR D 146 -14.27 11.10 2.00
CA TYR D 146 -14.44 11.78 0.73
C TYR D 146 -15.78 11.41 0.07
N ALA D 147 -16.36 12.35 -0.66
CA ALA D 147 -17.60 12.13 -1.36
C ALA D 147 -17.42 11.26 -2.60
N THR D 148 -18.48 10.51 -2.95
CA THR D 148 -18.45 9.64 -4.13
C THR D 148 -19.73 9.85 -4.94
N ALA D 149 -19.65 9.55 -6.22
CA ALA D 149 -20.81 9.61 -7.12
C ALA D 149 -20.71 8.44 -8.07
N TYR D 150 -21.85 7.92 -8.47
CA TYR D 150 -21.91 6.82 -9.43
C TYR D 150 -23.07 7.10 -10.37
N LEU D 151 -22.84 6.87 -11.65
CA LEU D 151 -23.85 7.11 -12.66
C LEU D 151 -23.74 6.12 -13.79
N ASN D 152 -24.88 5.54 -14.18
CA ASN D 152 -24.94 4.67 -15.34
C ASN D 152 -26.00 5.21 -16.28
N MET D 153 -25.65 5.31 -17.56
CA MET D 153 -26.56 5.90 -18.54
C MET D 153 -26.56 5.01 -19.79
N VAL D 154 -27.71 4.87 -20.41
CA VAL D 154 -27.83 4.04 -21.61
C VAL D 154 -28.46 4.80 -22.76
N ARG D 155 -28.14 4.34 -23.96
CA ARG D 155 -28.82 4.78 -25.15
C ARG D 155 -29.85 3.74 -25.50
N ASN D 156 -31.11 4.15 -25.56
CA ASN D 156 -32.20 3.23 -25.85
C ASN D 156 -32.26 2.91 -27.35
N GLU D 157 -33.08 1.95 -27.74
CA GLU D 157 -33.17 1.60 -29.16
C GLU D 157 -33.79 2.73 -29.99
N ASP D 158 -34.53 3.64 -29.36
CA ASP D 158 -35.08 4.79 -30.08
C ASP D 158 -34.12 5.98 -30.04
N ASN D 159 -32.87 5.69 -29.69
CA ASN D 159 -31.82 6.69 -29.51
C ASN D 159 -32.08 7.71 -28.40
N THR D 160 -33.05 7.48 -27.53
CA THR D 160 -33.17 8.33 -26.34
C THR D 160 -32.12 7.87 -25.30
N LEU D 161 -31.71 8.78 -24.42
CA LEU D 161 -30.76 8.46 -23.35
C LEU D 161 -31.47 8.43 -22.02
N ASN D 162 -31.10 7.48 -21.17
CA ASN D 162 -31.72 7.36 -19.84
C ASN D 162 -30.69 6.97 -18.80
N ILE D 163 -30.79 7.62 -17.65
CA ILE D 163 -30.07 7.20 -16.45
C ILE D 163 -30.74 5.96 -15.89
N THR D 164 -29.97 4.88 -15.74
CA THR D 164 -30.49 3.62 -15.23
C THR D 164 -30.04 3.39 -13.78
N GLU D 165 -29.02 4.11 -13.36
CA GLU D 165 -28.59 4.07 -11.97
C GLU D 165 -27.85 5.33 -11.57
N GLN D 166 -28.09 5.76 -10.33
CA GLN D 166 -27.40 6.90 -9.77
C GLN D 166 -27.26 6.63 -8.29
N GLN D 167 -26.08 6.91 -7.76
CA GLN D 167 -25.84 6.70 -6.35
C GLN D 167 -24.76 7.66 -5.90
N SER D 168 -24.97 8.28 -4.74
CA SER D 168 -23.99 9.19 -4.16
C SER D 168 -23.48 8.57 -2.88
N GLY D 169 -22.34 9.02 -2.40
CA GLY D 169 -21.77 8.41 -1.23
C GLY D 169 -20.71 9.18 -0.45
N LEU D 170 -20.40 8.60 0.70
CA LEU D 170 -19.35 9.04 1.60
C LEU D 170 -18.53 7.80 1.91
N ALA D 171 -17.23 7.88 1.64
CA ALA D 171 -16.32 6.76 1.78
C ALA D 171 -15.20 7.05 2.79
N GLY D 172 -14.72 6.04 3.50
CA GLY D 172 -13.51 6.18 4.28
C GLY D 172 -13.64 6.94 5.60
N LEU D 173 -14.83 6.97 6.18
CA LEU D 173 -15.04 7.61 7.47
C LEU D 173 -14.68 6.67 8.64
N GLN D 174 -13.66 7.03 9.41
CA GLN D 174 -13.19 6.17 10.49
C GLN D 174 -13.55 6.77 11.83
N LEU D 175 -14.55 6.20 12.51
CA LEU D 175 -15.04 6.70 13.79
C LEU D 175 -14.77 5.76 14.97
N ILE D 176 -14.31 6.34 16.08
CA ILE D 176 -14.14 5.56 17.29
C ILE D 176 -14.96 6.22 18.41
N LYS D 177 -15.78 5.43 19.08
CA LYS D 177 -16.48 5.90 20.28
C LYS D 177 -15.88 5.20 21.50
N VAL D 178 -15.32 5.99 22.42
CA VAL D 178 -14.46 5.44 23.47
C VAL D 178 -15.23 4.63 24.52
N SER D 179 -16.54 4.85 24.66
CA SER D 179 -17.38 4.10 25.59
C SER D 179 -18.85 4.21 25.22
N GLY D 180 -19.71 3.43 25.89
CA GLY D 180 -21.13 3.46 25.62
C GLY D 180 -21.45 2.60 24.41
N ASN D 181 -20.81 1.44 24.38
CA ASN D 181 -21.04 0.45 23.35
C ASN D 181 -20.99 -0.93 23.96
N SER D 182 -21.88 -1.81 23.55
CA SER D 182 -21.83 -3.19 24.02
C SER D 182 -22.00 -4.18 22.88
N PHE D 183 -21.50 -5.38 23.10
CA PHE D 183 -21.79 -6.48 22.19
C PHE D 183 -21.93 -7.73 23.04
N VAL D 184 -23.17 -8.01 23.42
CA VAL D 184 -23.52 -9.16 24.24
C VAL D 184 -24.71 -9.90 23.63
N GLY D 185 -24.92 -11.12 24.10
CA GLY D 185 -26.14 -11.87 23.81
C GLY D 185 -26.04 -12.69 22.56
N PHE D 186 -24.89 -12.63 21.88
CA PHE D 186 -24.71 -13.35 20.62
C PHE D 186 -24.60 -14.85 20.87
N ILE D 187 -24.72 -15.63 19.79
CA ILE D 187 -24.59 -17.08 19.86
C ILE D 187 -23.24 -17.50 20.40
N ARG D 188 -23.27 -18.46 21.33
CA ARG D 188 -22.06 -19.11 21.84
C ARG D 188 -22.17 -20.61 21.63
N ASP D 189 -21.13 -21.17 21.05
CA ASP D 189 -21.10 -22.61 20.84
C ASP D 189 -19.65 -23.06 20.72
N GLU D 190 -19.42 -24.17 20.05
CA GLU D 190 -18.08 -24.76 19.99
C GLU D 190 -17.06 -23.83 19.33
N TYR D 191 -17.53 -22.89 18.51
CA TYR D 191 -16.62 -22.02 17.77
C TYR D 191 -16.47 -20.64 18.37
N THR D 192 -17.07 -20.42 19.52
CA THR D 192 -17.10 -19.09 20.10
C THR D 192 -16.03 -18.96 21.17
N THR D 193 -15.14 -17.99 21.02
CA THR D 193 -14.22 -17.64 22.07
C THR D 193 -14.34 -16.18 22.46
N LEU D 194 -15.06 -15.41 21.66
CA LEU D 194 -15.22 -13.98 21.94
C LEU D 194 -15.98 -13.73 23.26
N PRO D 195 -15.33 -13.07 24.23
CA PRO D 195 -16.10 -12.75 25.43
C PRO D 195 -17.11 -11.64 25.19
N GLU D 196 -18.21 -11.68 25.93
CA GLU D 196 -19.18 -10.60 25.94
C GLU D 196 -18.54 -9.34 26.53
N ASP D 197 -18.94 -8.19 26.01
CA ASP D 197 -18.37 -6.91 26.44
C ASP D 197 -19.48 -5.88 26.54
N SER D 198 -19.69 -5.38 27.75
CA SER D 198 -20.75 -4.41 28.03
C SER D 198 -20.29 -2.97 27.84
N ASN D 199 -19.00 -2.79 27.58
CA ASN D 199 -18.47 -1.46 27.34
C ASN D 199 -17.17 -1.51 26.54
N ARG D 200 -17.31 -1.44 25.23
CA ARG D 200 -16.16 -1.50 24.34
C ARG D 200 -15.96 -0.17 23.64
N PRO D 201 -14.73 0.12 23.20
CA PRO D 201 -14.46 1.30 22.37
C PRO D 201 -14.64 1.07 20.87
N LEU D 202 -15.88 0.94 20.44
CA LEU D 202 -16.19 0.57 19.05
C LEU D 202 -15.55 1.47 17.97
N PHE D 203 -14.80 0.81 17.09
CA PHE D 203 -14.13 1.42 15.95
C PHE D 203 -14.78 0.99 14.65
N VAL D 204 -15.39 1.91 13.93
CA VAL D 204 -16.03 1.54 12.67
C VAL D 204 -15.47 2.31 11.48
N TYR D 205 -15.33 1.59 10.37
CA TYR D 205 -14.94 2.16 9.08
C TYR D 205 -16.22 2.17 8.29
N LEU D 206 -16.63 3.34 7.81
CA LEU D 206 -17.94 3.49 7.17
C LEU D 206 -17.84 3.95 5.74
N ASN D 207 -18.54 3.22 4.88
CA ASN D 207 -18.91 3.69 3.54
C ASN D 207 -20.41 3.80 3.53
N ILE D 208 -20.92 4.96 3.12
CA ILE D 208 -22.33 5.26 3.16
C ILE D 208 -22.77 5.78 1.79
N LYS D 209 -23.79 5.15 1.22
CA LYS D 209 -24.26 5.51 -0.12
C LYS D 209 -25.76 5.68 -0.12
N TRP D 210 -26.24 6.67 -0.86
CA TRP D 210 -27.67 6.96 -0.92
C TRP D 210 -28.15 7.14 -2.35
N LYS D 211 -29.41 6.79 -2.56
CA LYS D 211 -30.12 7.06 -3.81
C LYS D 211 -31.26 8.04 -3.58
N TYR D 212 -31.42 8.97 -4.51
CA TYR D 212 -32.50 9.96 -4.47
C TYR D 212 -33.79 9.39 -5.06
N LYS D 213 -34.92 9.91 -4.62
CA LYS D 213 -36.20 9.56 -5.24
C LYS D 213 -36.28 10.09 -6.66
N ASN D 214 -35.78 11.29 -6.89
CA ASN D 214 -35.73 11.90 -8.22
C ASN D 214 -34.29 12.21 -8.58
N THR D 215 -33.78 11.58 -9.65
CA THR D 215 -32.35 11.65 -9.96
C THR D 215 -31.84 13.08 -10.16
N GLU D 216 -32.72 14.00 -10.55
CA GLU D 216 -32.34 15.38 -10.81
C GLU D 216 -31.80 16.08 -9.54
N ASP D 217 -32.33 15.68 -8.39
CA ASP D 217 -31.97 16.30 -7.12
C ASP D 217 -30.47 16.15 -6.81
N SER D 218 -29.83 15.14 -7.40
CA SER D 218 -28.40 14.89 -7.16
C SER D 218 -27.50 15.86 -7.91
N PHE D 219 -28.06 16.57 -8.90
CA PHE D 219 -27.23 17.38 -9.79
C PHE D 219 -26.86 18.73 -9.19
N GLY D 220 -27.59 19.14 -8.18
CA GLY D 220 -27.34 20.42 -7.53
C GLY D 220 -28.01 21.60 -8.21
N THR D 221 -28.84 21.31 -9.20
CA THR D 221 -29.54 22.35 -9.93
C THR D 221 -30.53 23.12 -9.03
N ASN D 222 -31.32 22.39 -8.26
CA ASN D 222 -32.06 22.96 -7.14
C ASN D 222 -31.35 22.57 -5.84
N PRO D 223 -30.39 23.39 -5.39
CA PRO D 223 -29.47 23.00 -4.31
C PRO D 223 -30.16 22.70 -2.99
N GLU D 224 -31.38 23.19 -2.82
CA GLU D 224 -32.17 22.90 -1.64
C GLU D 224 -32.41 21.40 -1.48
N ASN D 225 -32.34 20.65 -2.58
CA ASN D 225 -32.64 19.23 -2.59
C ASN D 225 -31.39 18.37 -2.51
N TYR D 226 -30.24 19.00 -2.63
CA TYR D 226 -28.99 18.28 -2.65
C TYR D 226 -28.57 17.81 -1.25
N VAL D 227 -28.25 16.53 -1.16
CA VAL D 227 -27.72 15.91 0.07
C VAL D 227 -26.20 15.87 0.03
N ALA D 228 -25.56 16.70 0.84
CA ALA D 228 -24.10 16.76 0.87
C ALA D 228 -23.47 15.67 1.75
N ALA D 229 -22.39 15.07 1.25
CA ALA D 229 -21.67 14.03 1.99
C ALA D 229 -21.22 14.54 3.38
N GLU D 230 -20.92 15.83 3.45
CA GLU D 230 -20.50 16.46 4.69
C GLU D 230 -21.61 16.32 5.71
N GLN D 231 -22.84 16.45 5.24
CA GLN D 231 -24.00 16.35 6.11
C GLN D 231 -24.24 14.91 6.58
N ILE D 232 -24.09 13.95 5.67
CA ILE D 232 -24.11 12.55 6.06
C ILE D 232 -23.02 12.21 7.10
N ARG D 233 -21.82 12.75 6.91
CA ARG D 233 -20.73 12.55 7.87
C ARG D 233 -21.15 12.93 9.30
N ASP D 234 -21.78 14.09 9.43
CA ASP D 234 -22.12 14.65 10.72
C ASP D 234 -23.35 13.98 11.33
N ILE D 235 -24.26 13.52 10.50
CA ILE D 235 -25.34 12.68 11.00
C ILE D 235 -24.75 11.42 11.66
N ALA D 236 -23.81 10.79 10.96
CA ALA D 236 -23.21 9.55 11.45
C ALA D 236 -22.52 9.74 12.80
N THR D 237 -21.79 10.83 12.99
CA THR D 237 -21.07 11.06 14.24
C THR D 237 -22.05 11.42 15.37
N SER D 238 -23.08 12.18 15.04
CA SER D 238 -24.07 12.54 16.04
C SER D 238 -24.84 11.29 16.51
N VAL D 239 -25.30 10.49 15.56
CA VAL D 239 -26.05 9.30 15.94
C VAL D 239 -25.16 8.32 16.73
N PHE D 240 -23.91 8.18 16.31
CA PHE D 240 -22.97 7.31 17.02
C PHE D 240 -22.82 7.81 18.47
N HIS D 241 -22.67 9.11 18.63
CA HIS D 241 -22.59 9.73 19.95
C HIS D 241 -23.84 9.46 20.83
N GLU D 242 -25.01 9.73 20.27
CA GLU D 242 -26.29 9.64 21.00
C GLU D 242 -26.63 8.23 21.43
N THR D 243 -26.06 7.24 20.76
CA THR D 243 -26.57 5.88 20.81
C THR D 243 -25.73 4.98 21.71
N GLU D 244 -26.37 4.35 22.69
CA GLU D 244 -25.73 3.25 23.40
C GLU D 244 -25.85 2.02 22.48
N THR D 245 -24.80 1.80 21.69
CA THR D 245 -24.86 0.80 20.62
C THR D 245 -24.85 -0.62 21.20
N LEU D 246 -25.60 -1.51 20.55
CA LEU D 246 -25.74 -2.90 20.95
C LEU D 246 -24.96 -3.79 19.99
N SER D 247 -24.58 -3.21 18.87
CA SER D 247 -23.72 -3.83 17.85
C SER D 247 -23.48 -2.78 16.77
N ILE D 248 -22.60 -3.10 15.81
CA ILE D 248 -22.43 -2.25 14.65
C ILE D 248 -23.71 -2.26 13.81
N GLN D 249 -24.29 -3.45 13.69
CA GLN D 249 -25.54 -3.60 12.96
C GLN D 249 -26.60 -2.62 13.47
N HIS D 250 -26.70 -2.53 14.80
CA HIS D 250 -27.68 -1.70 15.49
C HIS D 250 -27.44 -0.21 15.18
N LEU D 251 -26.18 0.18 15.25
CA LEU D 251 -25.75 1.53 14.96
C LEU D 251 -26.07 1.98 13.55
N ILE D 252 -25.72 1.20 12.54
CA ILE D 252 -25.88 1.66 11.16
C ILE D 252 -27.37 1.72 10.76
N TYR D 253 -28.20 0.83 11.29
CA TYR D 253 -29.64 0.96 11.13
C TYR D 253 -30.13 2.34 11.60
N LEU D 254 -29.72 2.74 12.80
CA LEU D 254 -30.16 4.01 13.37
C LEU D 254 -29.57 5.20 12.61
N ILE D 255 -28.33 5.08 12.15
CA ILE D 255 -27.75 6.12 11.30
C ILE D 255 -28.62 6.25 10.04
N GLY D 256 -28.91 5.13 9.40
CA GLY D 256 -29.78 5.11 8.23
C GLY D 256 -31.15 5.75 8.45
N ARG D 257 -31.82 5.37 9.53
CA ARG D 257 -33.11 5.96 9.86
C ARG D 257 -33.01 7.47 10.03
N ARG D 258 -31.95 7.96 10.66
CA ARG D 258 -31.83 9.40 10.90
C ARG D 258 -31.62 10.10 9.56
N ILE D 259 -30.80 9.51 8.70
CA ILE D 259 -30.58 10.06 7.37
C ILE D 259 -31.89 10.21 6.61
N LEU D 260 -32.70 9.16 6.59
CA LEU D 260 -33.93 9.18 5.82
C LEU D 260 -34.94 10.17 6.41
N GLU D 261 -34.86 10.37 7.72
CA GLU D 261 -35.71 11.36 8.38
C GLU D 261 -35.31 12.76 7.92
N ARG D 262 -34.01 13.04 7.95
CA ARG D 262 -33.45 14.34 7.61
C ARG D 262 -33.61 14.69 6.15
N PHE D 263 -33.61 13.66 5.31
CA PHE D 263 -33.66 13.85 3.86
C PHE D 263 -34.76 13.01 3.22
N PRO D 264 -36.00 13.51 3.29
CA PRO D 264 -37.08 12.71 2.73
C PRO D 264 -37.01 12.59 1.22
N GLN D 265 -36.13 13.37 0.57
CA GLN D 265 -35.98 13.26 -0.89
C GLN D 265 -35.13 12.05 -1.25
N LEU D 266 -34.60 11.39 -0.24
CA LEU D 266 -33.85 10.15 -0.42
C LEU D 266 -34.74 8.90 -0.35
N GLN D 267 -34.47 7.95 -1.25
CA GLN D 267 -35.21 6.69 -1.33
C GLN D 267 -34.63 5.62 -0.41
N GLU D 268 -33.30 5.56 -0.34
CA GLU D 268 -32.63 4.53 0.43
C GLU D 268 -31.22 4.94 0.80
N VAL D 269 -30.69 4.31 1.84
CA VAL D 269 -29.29 4.46 2.24
C VAL D 269 -28.66 3.09 2.41
N TYR D 270 -27.48 2.92 1.82
CA TYR D 270 -26.72 1.69 1.90
C TYR D 270 -25.47 1.91 2.77
N PHE D 271 -25.16 0.94 3.63
CA PHE D 271 -23.96 0.97 4.47
C PHE D 271 -23.05 -0.20 4.12
N GLU D 272 -21.76 0.07 4.00
CA GLU D 272 -20.76 -0.97 4.07
C GLU D 272 -19.79 -0.58 5.17
N SER D 273 -19.88 -1.27 6.30
CA SER D 273 -19.09 -0.92 7.47
C SER D 273 -18.11 -2.04 7.81
N GLN D 274 -17.02 -1.67 8.49
CA GLN D 274 -16.06 -2.63 9.03
C GLN D 274 -15.81 -2.34 10.49
N ASN D 275 -15.53 -3.41 11.24
CA ASN D 275 -15.25 -3.37 12.67
C ASN D 275 -13.75 -3.51 12.88
N HIS D 276 -13.10 -2.48 13.45
CA HIS D 276 -11.65 -2.53 13.71
C HIS D 276 -11.37 -2.20 15.18
N THR D 277 -12.30 -2.57 16.06
CA THR D 277 -12.22 -2.22 17.47
C THR D 277 -10.93 -2.79 18.13
N TRP D 278 -10.29 -1.96 18.96
CA TRP D 278 -9.04 -2.33 19.65
C TRP D 278 -9.21 -3.41 20.70
N ASP D 279 -8.13 -4.14 20.99
CA ASP D 279 -8.12 -5.08 22.11
C ASP D 279 -7.68 -4.36 23.37
N LYS D 280 -8.31 -4.70 24.49
CA LYS D 280 -7.99 -4.07 25.77
C LYS D 280 -6.74 -4.71 26.35
N ILE D 281 -5.84 -3.89 26.89
CA ILE D 281 -4.61 -4.38 27.51
C ILE D 281 -4.62 -4.14 29.00
N VAL D 282 -5.11 -2.96 29.39
CA VAL D 282 -5.21 -2.58 30.79
C VAL D 282 -6.58 -2.00 31.09
N GLU D 283 -7.33 -2.70 31.95
CA GLU D 283 -8.71 -2.36 32.23
C GLU D 283 -8.83 -1.27 33.30
N GLU D 284 -7.85 -1.18 34.19
CA GLU D 284 -7.93 -0.27 35.33
C GLU D 284 -6.60 0.43 35.61
N ILE D 285 -6.66 1.75 35.75
CA ILE D 285 -5.48 2.57 35.97
N GLY D 290 -9.03 5.88 32.92
CA GLY D 290 -8.47 5.58 31.62
C GLY D 290 -8.14 4.11 31.46
N LYS D 291 -7.92 3.68 30.22
CA LYS D 291 -7.56 2.30 29.92
C LYS D 291 -6.52 2.30 28.83
N VAL D 292 -5.85 1.18 28.61
CA VAL D 292 -4.95 1.05 27.48
C VAL D 292 -5.35 -0.11 26.55
N TYR D 293 -5.38 0.21 25.25
CA TYR D 293 -5.73 -0.73 24.20
C TYR D 293 -4.61 -0.91 23.16
N THR D 294 -4.80 -1.88 22.27
CA THR D 294 -3.87 -2.07 21.14
C THR D 294 -4.61 -2.48 19.88
N GLU D 295 -3.90 -2.43 18.75
CA GLU D 295 -4.45 -2.82 17.46
C GLU D 295 -4.76 -4.30 17.47
N PRO D 296 -5.88 -4.70 16.87
CA PRO D 296 -6.19 -6.13 16.80
C PRO D 296 -5.51 -6.78 15.61
N CYS D 297 -5.65 -8.10 15.52
CA CYS D 297 -5.13 -8.90 14.42
C CYS D 297 -5.84 -8.56 13.10
N PRO D 298 -5.32 -9.05 11.97
CA PRO D 298 -5.84 -8.67 10.65
C PRO D 298 -7.36 -8.91 10.38
N PRO D 299 -7.96 -10.00 10.91
CA PRO D 299 -9.35 -10.24 10.51
C PRO D 299 -10.26 -9.08 10.92
N TYR D 300 -11.16 -8.68 10.04
CA TYR D 300 -12.05 -7.57 10.33
C TYR D 300 -13.47 -7.99 10.07
N GLY D 301 -14.36 -7.59 10.97
CA GLY D 301 -15.77 -7.87 10.81
C GLY D 301 -16.36 -6.83 9.86
N PHE D 302 -17.45 -7.18 9.18
CA PHE D 302 -18.09 -6.19 8.30
C PHE D 302 -19.57 -6.42 8.21
N GLN D 303 -20.27 -5.37 7.80
CA GLN D 303 -21.72 -5.39 7.75
C GLN D 303 -22.17 -4.64 6.51
N CYS D 304 -23.20 -5.17 5.87
CA CYS D 304 -23.78 -4.54 4.67
C CYS D 304 -25.29 -4.51 4.79
N PHE D 305 -25.87 -3.32 4.64
CA PHE D 305 -27.26 -3.14 5.01
C PHE D 305 -27.87 -1.94 4.31
N THR D 306 -29.12 -2.10 3.91
CA THR D 306 -29.89 -1.04 3.26
C THR D 306 -31.10 -0.66 4.10
N VAL D 307 -31.28 0.64 4.30
CA VAL D 307 -32.50 1.20 4.89
C VAL D 307 -33.21 1.96 3.80
N THR D 308 -34.53 1.80 3.70
CA THR D 308 -35.34 2.44 2.66
C THR D 308 -36.57 3.09 3.28
N GLN D 309 -37.19 4.01 2.54
CA GLN D 309 -38.36 4.73 3.02
#